data_1ST4
#
_entry.id   1ST4
#
_cell.length_a   60.037
_cell.length_b   95.452
_cell.length_c   177.981
_cell.angle_alpha   90.00
_cell.angle_beta   90.00
_cell.angle_gamma   90.00
#
_symmetry.space_group_name_H-M   'P 21 21 21'
#
loop_
_entity.id
_entity.type
_entity.pdbx_description
1 polymer 'mRNA decapping enzyme'
2 non-polymer "P1-7-METHYLGUANOSINE-P3-ADENOSINE-5',5'-TRIPHOSPHATE"
3 non-polymer 'YTTRIUM (III) ION'
4 water water
#
_entity_poly.entity_id   1
_entity_poly.type   'polypeptide(L)'
_entity_poly.pdbx_seq_one_letter_code
;MADAAPQLGKRKRELDVEEAHAASTEEKEAGVGNGTCAPVRLPFSGFRLQKVLRESARDKIIFLHGKVNEASGDGDGEDA
VVILEKTPFQVEQVAQLLTGSPELQLQFSNDIYSTYHLFPPRQLNDVKTTVVYPATEKHLQKYLRQDLRLIRETGDDYRN
ITLPHLESQSLSIQWVYNILDKKAEADRIVFENPDPSDGFVLIPDLKWNQQQLDDLYLIAICHRRGIRSLRDLTPEHLPL
LRNILHQGQEAILQRYRMKGDHLRVYLHYLPSYYHLNVHFTALGFEAPGSGVERAHLLAEVIENLECDPRHYQQRTLTFA
LRADDPLLKLLQEAQQS
;
_entity_poly.pdbx_strand_id   B,A
#
loop_
_chem_comp.id
_chem_comp.type
_chem_comp.name
_chem_comp.formula
GTA non-polymer P1-7-METHYLGUANOSINE-P3-ADENOSINE-5',5'-TRIPHOSPHATE 'C21 H30 N10 O17 P3 1'
YT3 non-polymer 'YTTRIUM (III) ION' 'Y 3'
#
# COMPACT_ATOMS: atom_id res chain seq x y z
N VAL A 40 36.60 -5.04 4.14
CA VAL A 40 37.54 -5.56 3.08
C VAL A 40 36.70 -6.29 1.99
N ARG A 41 36.52 -7.60 2.11
CA ARG A 41 35.83 -8.34 1.03
C ARG A 41 34.56 -9.07 1.44
N LEU A 42 33.72 -9.41 0.45
CA LEU A 42 32.68 -10.43 0.67
C LEU A 42 33.35 -11.78 1.07
N PRO A 43 32.74 -12.57 1.93
CA PRO A 43 33.30 -13.89 2.24
C PRO A 43 33.39 -14.90 1.09
N PHE A 44 33.04 -14.55 -0.15
CA PHE A 44 33.16 -15.45 -1.27
C PHE A 44 33.51 -14.68 -2.54
N SER A 45 33.73 -15.44 -3.61
CA SER A 45 33.91 -14.91 -4.98
C SER A 45 32.87 -15.43 -6.02
N GLY A 46 32.34 -14.49 -6.81
CA GLY A 46 31.42 -14.82 -7.86
C GLY A 46 30.04 -14.94 -7.23
N PHE A 47 29.00 -14.64 -7.99
CA PHE A 47 27.65 -14.71 -7.49
C PHE A 47 26.86 -15.08 -8.75
N ARG A 48 26.12 -16.18 -8.70
CA ARG A 48 25.20 -16.54 -9.83
C ARG A 48 23.81 -16.57 -9.25
N LEU A 49 22.97 -15.66 -9.74
CA LEU A 49 21.65 -15.63 -9.12
C LEU A 49 20.87 -16.94 -9.41
N GLN A 50 20.29 -17.46 -8.35
CA GLN A 50 19.57 -18.64 -8.32
C GLN A 50 18.08 -18.28 -8.09
N LYS A 51 17.78 -17.37 -7.18
CA LYS A 51 16.35 -17.09 -6.91
C LYS A 51 16.19 -15.85 -6.03
N VAL A 52 15.17 -15.04 -6.35
CA VAL A 52 14.79 -13.94 -5.57
C VAL A 52 13.90 -14.52 -4.56
N LEU A 53 14.36 -14.64 -3.31
CA LEU A 53 13.54 -15.29 -2.30
C LEU A 53 12.35 -14.46 -1.90
N ARG A 54 12.61 -13.14 -1.83
CA ARG A 54 11.61 -12.21 -1.44
C ARG A 54 12.06 -10.81 -1.84
N GLU A 55 11.11 -9.96 -2.18
CA GLU A 55 11.40 -8.57 -2.41
C GLU A 55 10.27 -7.67 -2.02
N SER A 56 10.62 -6.45 -1.73
CA SER A 56 9.62 -5.46 -1.46
C SER A 56 10.05 -4.18 -2.10
N ALA A 57 9.41 -3.76 -3.19
CA ALA A 57 9.74 -2.45 -3.75
C ALA A 57 9.36 -1.27 -2.85
N ARG A 58 8.32 -1.43 -2.08
CA ARG A 58 7.86 -0.44 -1.18
C ARG A 58 8.96 -0.20 -0.10
N ASP A 59 9.53 -1.27 0.49
CA ASP A 59 10.56 -1.13 1.55
C ASP A 59 11.97 -1.11 0.98
N LYS A 60 12.12 -1.17 -0.36
CA LYS A 60 13.41 -1.09 -1.03
C LYS A 60 14.36 -2.15 -0.43
N ILE A 61 13.88 -3.38 -0.44
CA ILE A 61 14.70 -4.48 0.05
C ILE A 61 14.58 -5.68 -0.93
N ILE A 62 15.68 -6.43 -1.11
CA ILE A 62 15.62 -7.73 -1.76
C ILE A 62 16.47 -8.79 -0.99
N PHE A 63 15.99 -10.04 -0.95
CA PHE A 63 16.63 -11.25 -0.45
C PHE A 63 16.97 -12.17 -1.60
N LEU A 64 18.26 -12.31 -1.93
CA LEU A 64 18.75 -13.18 -2.99
C LEU A 64 19.44 -14.51 -2.54
N HIS A 65 19.21 -15.60 -3.26
CA HIS A 65 19.94 -16.83 -3.08
C HIS A 65 20.80 -16.88 -4.26
N GLY A 66 22.12 -16.94 -4.07
CA GLY A 66 23.01 -17.12 -5.21
C GLY A 66 23.93 -18.37 -5.05
N LYS A 67 24.56 -18.80 -6.16
CA LYS A 67 25.65 -19.74 -6.07
C LYS A 67 26.97 -19.02 -6.18
N VAL A 68 27.79 -19.21 -5.15
CA VAL A 68 29.08 -18.49 -5.07
C VAL A 68 30.30 -19.42 -5.31
N ASN A 69 31.51 -18.87 -5.58
CA ASN A 69 32.79 -19.68 -5.70
C ASN A 69 32.93 -20.67 -6.91
N GLU A 70 31.95 -20.63 -7.84
CA GLU A 70 31.90 -21.51 -9.02
C GLU A 70 33.09 -21.37 -9.98
N ALA A 71 33.82 -20.28 -9.90
CA ALA A 71 35.05 -20.15 -10.69
C ALA A 71 36.28 -19.98 -9.78
N SER A 72 36.24 -20.62 -8.60
CA SER A 72 37.36 -20.63 -7.60
C SER A 72 37.41 -21.93 -6.77
N GLY A 73 38.38 -22.07 -5.86
CA GLY A 73 38.60 -23.34 -5.17
C GLY A 73 38.55 -24.51 -6.15
N ASP A 74 37.83 -25.57 -5.74
CA ASP A 74 37.65 -26.85 -6.51
C ASP A 74 36.77 -26.80 -7.82
N GLY A 75 36.03 -25.70 -8.00
CA GLY A 75 35.10 -25.54 -9.12
C GLY A 75 33.65 -25.78 -8.68
N ASP A 76 33.48 -26.16 -7.41
CA ASP A 76 32.22 -26.63 -6.85
C ASP A 76 31.55 -25.52 -6.00
N GLY A 77 30.51 -24.89 -6.57
CA GLY A 77 29.90 -23.71 -5.97
C GLY A 77 29.16 -23.95 -4.66
N GLU A 78 29.04 -22.91 -3.83
CA GLU A 78 28.23 -22.98 -2.59
C GLU A 78 27.00 -22.01 -2.60
N ASP A 79 26.18 -22.15 -1.58
CA ASP A 79 24.99 -21.35 -1.36
C ASP A 79 25.27 -20.13 -0.44
N ALA A 80 24.77 -18.95 -0.87
CA ALA A 80 24.80 -17.75 -0.01
C ALA A 80 23.42 -17.04 -0.07
N VAL A 81 22.92 -16.48 1.07
CA VAL A 81 21.86 -15.47 0.98
C VAL A 81 22.47 -14.08 1.11
N VAL A 82 22.02 -13.09 0.30
CA VAL A 82 22.53 -11.73 0.37
C VAL A 82 21.30 -10.89 0.37
N ILE A 83 21.11 -10.14 1.45
CA ILE A 83 20.02 -9.23 1.61
C ILE A 83 20.55 -7.83 1.48
N LEU A 84 19.89 -7.05 0.60
CA LEU A 84 20.22 -5.65 0.40
C LEU A 84 19.08 -4.71 0.58
N GLU A 85 19.40 -3.62 1.24
CA GLU A 85 18.39 -2.71 1.72
C GLU A 85 18.87 -1.28 1.58
N LYS A 86 18.10 -0.42 0.89
CA LYS A 86 18.42 1.02 0.85
C LYS A 86 18.36 1.66 2.26
N THR A 87 19.10 2.75 2.46
CA THR A 87 19.12 3.42 3.74
C THR A 87 18.30 4.69 3.77
N PRO A 88 17.82 5.03 4.95
CA PRO A 88 17.10 6.29 5.12
C PRO A 88 18.02 7.47 4.86
N PHE A 89 17.41 8.66 4.71
CA PHE A 89 18.18 9.83 4.33
C PHE A 89 18.59 10.42 5.68
N GLN A 90 19.63 11.23 5.63
CA GLN A 90 19.95 12.11 6.75
C GLN A 90 19.69 13.54 6.34
N VAL A 91 18.94 14.23 7.16
CA VAL A 91 18.57 15.59 6.85
C VAL A 91 19.72 16.49 6.40
N GLU A 92 20.85 16.42 7.11
CA GLU A 92 21.88 17.42 6.87
C GLU A 92 22.56 17.19 5.53
N GLN A 93 22.75 15.91 5.21
CA GLN A 93 23.35 15.56 3.92
C GLN A 93 22.43 16.00 2.78
N VAL A 94 21.12 15.84 2.92
CA VAL A 94 20.15 16.20 1.87
C VAL A 94 20.11 17.76 1.69
N ALA A 95 19.84 18.50 2.75
CA ALA A 95 19.91 19.99 2.76
C ALA A 95 21.13 20.49 2.00
N GLN A 96 22.32 19.98 2.37
CA GLN A 96 23.59 20.38 1.76
C GLN A 96 23.65 20.08 0.29
N LEU A 97 23.38 18.82 -0.08
CA LEU A 97 23.24 18.47 -1.50
C LEU A 97 22.31 19.45 -2.20
N LEU A 98 21.21 19.83 -1.54
CA LEU A 98 20.19 20.59 -2.31
C LEU A 98 20.63 22.07 -2.50
N THR A 99 21.30 22.62 -1.49
CA THR A 99 21.72 23.96 -1.63
C THR A 99 22.93 24.03 -2.54
N GLY A 100 23.60 22.92 -2.83
CA GLY A 100 24.65 22.93 -3.88
C GLY A 100 24.11 22.89 -5.32
N SER A 101 22.80 23.06 -5.46
CA SER A 101 22.16 22.96 -6.77
C SER A 101 22.73 21.74 -7.64
N PRO A 102 22.38 20.43 -7.38
CA PRO A 102 23.01 19.28 -8.07
C PRO A 102 22.46 19.19 -9.50
N GLU A 103 22.91 18.24 -10.30
CA GLU A 103 22.24 18.05 -11.60
C GLU A 103 21.48 16.73 -11.46
N LEU A 104 20.48 16.68 -12.32
CA LEU A 104 19.31 15.86 -12.13
C LEU A 104 18.96 15.50 -13.58
N GLN A 105 18.33 14.35 -13.78
CA GLN A 105 17.90 13.92 -15.08
C GLN A 105 16.37 14.12 -15.00
N LEU A 106 15.80 15.08 -15.72
CA LEU A 106 14.31 15.28 -15.76
C LEU A 106 13.48 14.02 -16.16
N GLN A 107 12.49 13.58 -15.35
CA GLN A 107 11.56 12.55 -15.82
C GLN A 107 10.37 13.30 -16.50
N PHE A 108 9.71 14.22 -15.84
CA PHE A 108 8.80 15.14 -16.51
C PHE A 108 8.42 16.33 -15.67
N SER A 109 7.70 17.32 -16.27
CA SER A 109 7.07 18.30 -15.45
C SER A 109 5.67 18.58 -15.95
N ASN A 110 4.87 19.08 -15.01
CA ASN A 110 3.50 19.38 -15.32
C ASN A 110 3.09 20.43 -14.33
N ASP A 111 2.79 21.65 -14.84
CA ASP A 111 2.37 22.71 -13.96
C ASP A 111 3.46 22.89 -12.84
N ILE A 112 3.08 22.91 -11.59
CA ILE A 112 3.98 23.15 -10.45
C ILE A 112 4.80 21.89 -10.06
N TYR A 113 4.60 20.77 -10.78
CA TYR A 113 5.14 19.46 -10.36
C TYR A 113 6.27 19.10 -11.21
N SER A 114 7.31 18.46 -10.68
CA SER A 114 8.28 17.86 -11.58
C SER A 114 9.06 16.76 -10.88
N THR A 115 9.60 15.78 -11.63
CA THR A 115 10.35 14.66 -11.04
C THR A 115 11.61 14.44 -11.83
N TYR A 116 12.57 13.79 -11.14
CA TYR A 116 13.89 13.74 -11.67
C TYR A 116 14.52 12.49 -11.16
N HIS A 117 15.54 12.01 -11.86
CA HIS A 117 16.46 11.02 -11.24
C HIS A 117 17.64 11.81 -10.61
N LEU A 118 17.96 11.52 -9.35
CA LEU A 118 19.12 12.15 -8.72
C LEU A 118 20.14 11.06 -8.42
N PHE A 119 21.42 11.32 -8.78
CA PHE A 119 22.57 10.41 -8.56
C PHE A 119 23.49 11.08 -7.60
N PRO A 120 23.26 10.87 -6.34
CA PRO A 120 23.95 11.66 -5.33
C PRO A 120 25.43 11.19 -5.09
N PRO A 121 26.19 11.98 -4.29
CA PRO A 121 27.56 11.57 -3.92
C PRO A 121 27.46 10.45 -2.96
N ARG A 122 28.57 9.73 -2.88
CA ARG A 122 28.74 8.52 -2.07
C ARG A 122 28.08 8.45 -0.70
N GLN A 123 28.11 9.52 0.06
CA GLN A 123 27.61 9.38 1.42
C GLN A 123 26.10 9.15 1.51
N LEU A 124 25.33 9.48 0.45
CA LEU A 124 23.91 9.21 0.51
C LEU A 124 23.56 7.81 0.06
N ASN A 125 24.57 7.07 -0.44
CA ASN A 125 24.37 5.87 -1.30
C ASN A 125 24.52 4.53 -0.63
N ASP A 126 24.85 4.59 0.63
CA ASP A 126 25.09 3.39 1.38
C ASP A 126 23.89 2.38 1.20
N VAL A 127 24.23 1.10 1.01
CA VAL A 127 23.29 0.01 1.14
C VAL A 127 23.63 -1.00 2.23
N LYS A 128 22.68 -1.30 3.11
CA LYS A 128 22.87 -2.29 4.15
C LYS A 128 22.78 -3.69 3.51
N THR A 129 23.95 -4.40 3.44
CA THR A 129 24.19 -5.70 2.79
C THR A 129 24.43 -6.80 3.87
N THR A 130 23.43 -7.71 4.03
CA THR A 130 23.57 -8.75 5.04
C THR A 130 23.89 -10.02 4.26
N VAL A 131 24.91 -10.77 4.68
CA VAL A 131 25.28 -12.00 3.98
C VAL A 131 25.15 -13.26 4.84
N VAL A 132 24.45 -14.32 4.39
CA VAL A 132 24.52 -15.62 5.08
C VAL A 132 25.36 -16.60 4.25
N TYR A 133 26.56 -16.95 4.76
CA TYR A 133 27.48 -17.81 3.98
C TYR A 133 28.33 -18.71 4.91
N PRO A 134 28.28 -20.04 4.71
CA PRO A 134 27.44 -20.64 3.65
C PRO A 134 26.01 -20.83 4.11
N ALA A 135 25.01 -20.76 3.22
CA ALA A 135 23.62 -20.82 3.73
C ALA A 135 23.08 -22.23 3.51
N THR A 136 22.10 -22.62 4.34
CA THR A 136 21.50 -23.96 4.29
C THR A 136 20.09 -23.80 3.83
N GLU A 137 19.52 -24.94 3.44
CA GLU A 137 18.14 -25.02 3.01
C GLU A 137 17.18 -24.40 4.06
N LYS A 138 17.56 -24.42 5.35
CA LYS A 138 16.82 -23.71 6.37
C LYS A 138 16.84 -22.19 6.12
N HIS A 139 18.00 -21.69 5.75
CA HIS A 139 18.09 -20.24 5.54
C HIS A 139 17.18 -19.93 4.35
N LEU A 140 17.26 -20.74 3.29
CA LEU A 140 16.38 -20.49 2.14
C LEU A 140 14.91 -20.45 2.49
N GLN A 141 14.42 -21.44 3.20
CA GLN A 141 13.02 -21.45 3.66
C GLN A 141 12.69 -20.30 4.59
N LYS A 142 13.68 -19.77 5.30
CA LYS A 142 13.33 -18.69 6.19
C LYS A 142 12.87 -17.43 5.38
N TYR A 143 13.46 -17.22 4.20
CA TYR A 143 13.25 -15.96 3.50
C TYR A 143 12.23 -16.02 2.32
N LEU A 144 12.04 -17.25 1.79
CA LEU A 144 11.18 -17.55 0.65
C LEU A 144 9.73 -17.09 0.85
N ARG A 145 9.25 -16.34 -0.14
CA ARG A 145 7.86 -15.88 -0.23
C ARG A 145 7.35 -16.16 -1.65
N GLN A 146 6.12 -16.62 -1.74
CA GLN A 146 5.44 -16.87 -3.05
C GLN A 146 4.90 -15.52 -3.59
N ASP A 147 5.00 -15.32 -4.87
CA ASP A 147 4.29 -14.22 -5.60
C ASP A 147 2.80 -14.50 -5.61
N LEU A 148 2.01 -13.43 -5.76
CA LEU A 148 0.60 -13.53 -5.56
C LEU A 148 -0.10 -13.38 -6.90
N ARG A 149 -1.35 -13.80 -6.91
CA ARG A 149 -2.27 -13.64 -8.05
C ARG A 149 -3.65 -13.28 -7.59
N LEU A 150 -4.27 -12.30 -8.24
CA LEU A 150 -5.66 -11.93 -7.95
C LEU A 150 -6.68 -12.91 -8.54
N ILE A 151 -7.73 -13.17 -7.76
CA ILE A 151 -8.90 -13.87 -8.25
C ILE A 151 -10.23 -13.18 -7.75
N ARG A 152 -11.23 -13.08 -8.64
CA ARG A 152 -12.59 -12.63 -8.26
C ARG A 152 -13.47 -13.89 -8.24
N GLU A 153 -13.84 -14.30 -7.04
CA GLU A 153 -14.59 -15.53 -6.72
C GLU A 153 -16.05 -15.16 -6.67
N THR A 154 -16.84 -15.54 -7.68
CA THR A 154 -18.29 -15.45 -7.55
C THR A 154 -18.88 -16.32 -6.38
N GLY A 155 -20.13 -16.02 -6.05
CA GLY A 155 -20.91 -16.81 -5.08
C GLY A 155 -20.93 -18.29 -5.55
N ASP A 156 -21.16 -18.50 -6.82
CA ASP A 156 -21.07 -19.85 -7.36
C ASP A 156 -19.65 -20.46 -7.18
N ASP A 157 -18.61 -19.70 -7.60
CA ASP A 157 -17.25 -20.22 -7.49
C ASP A 157 -17.03 -20.70 -6.12
N TYR A 158 -17.48 -19.93 -5.14
CA TYR A 158 -17.21 -20.32 -3.78
C TYR A 158 -17.95 -21.68 -3.48
N ARG A 159 -19.20 -21.80 -3.91
CA ARG A 159 -20.02 -23.02 -3.61
C ARG A 159 -19.43 -24.28 -4.30
N ASN A 160 -19.21 -24.20 -5.60
CA ASN A 160 -18.71 -25.28 -6.44
C ASN A 160 -17.25 -25.66 -6.30
N ILE A 161 -16.41 -24.69 -5.89
CA ILE A 161 -14.94 -24.89 -5.92
C ILE A 161 -14.22 -24.59 -4.63
N THR A 162 -14.28 -23.37 -4.12
CA THR A 162 -13.53 -23.13 -2.87
C THR A 162 -13.98 -23.94 -1.65
N LEU A 163 -15.30 -23.97 -1.39
CA LEU A 163 -15.81 -24.67 -0.17
C LEU A 163 -15.46 -26.19 -0.20
N PRO A 164 -15.82 -26.90 -1.28
CA PRO A 164 -15.43 -28.30 -1.37
C PRO A 164 -13.92 -28.41 -1.12
N HIS A 165 -13.06 -27.63 -1.82
CA HIS A 165 -11.61 -27.58 -1.53
C HIS A 165 -11.24 -27.40 -0.07
N LEU A 166 -11.93 -26.51 0.62
CA LEU A 166 -11.45 -26.21 1.94
C LEU A 166 -11.81 -27.28 3.03
N GLU A 167 -12.96 -27.93 2.89
CA GLU A 167 -13.24 -29.05 3.81
C GLU A 167 -12.25 -30.23 3.62
N SER A 168 -11.73 -30.39 2.40
CA SER A 168 -10.64 -31.35 2.14
C SER A 168 -9.29 -30.95 2.71
N GLN A 169 -8.96 -29.67 2.66
CA GLN A 169 -7.61 -29.16 2.95
C GLN A 169 -7.68 -27.87 3.76
N SER A 170 -7.17 -27.86 5.01
CA SER A 170 -7.10 -26.64 5.83
C SER A 170 -5.98 -26.71 6.86
N LEU A 171 -5.42 -25.57 7.26
CA LEU A 171 -4.47 -25.56 8.40
C LEU A 171 -5.21 -25.69 9.73
N SER A 172 -4.56 -26.32 10.70
CA SER A 172 -5.16 -26.61 11.99
C SER A 172 -5.66 -25.36 12.72
N ILE A 173 -6.91 -25.42 13.21
CA ILE A 173 -7.40 -24.40 14.13
C ILE A 173 -7.35 -24.75 15.64
N GLN A 174 -6.49 -25.72 16.00
CA GLN A 174 -6.28 -26.09 17.38
C GLN A 174 -5.93 -24.86 18.18
N TRP A 175 -4.88 -24.14 17.79
CA TRP A 175 -4.35 -22.98 18.57
C TRP A 175 -5.48 -22.04 19.03
N VAL A 176 -6.53 -21.90 18.22
CA VAL A 176 -7.73 -21.10 18.53
C VAL A 176 -8.49 -21.75 19.73
N TYR A 177 -8.97 -22.99 19.50
CA TYR A 177 -9.48 -23.92 20.52
C TYR A 177 -8.69 -23.85 21.84
N ASN A 178 -7.39 -24.00 21.78
CA ASN A 178 -6.58 -23.84 22.98
C ASN A 178 -6.85 -22.51 23.73
N ILE A 179 -6.87 -21.39 23.01
CA ILE A 179 -7.25 -20.12 23.63
C ILE A 179 -8.66 -20.13 24.18
N LEU A 180 -9.64 -20.49 23.33
CA LEU A 180 -11.04 -20.33 23.66
C LEU A 180 -11.32 -21.04 24.98
N ASP A 181 -10.60 -22.10 25.21
CA ASP A 181 -10.90 -22.85 26.40
C ASP A 181 -9.76 -22.87 27.43
N LYS A 182 -8.94 -21.83 27.37
CA LYS A 182 -8.00 -21.42 28.44
C LYS A 182 -6.75 -22.24 28.57
N LYS A 183 -6.63 -23.29 27.79
CA LYS A 183 -5.41 -24.09 27.88
C LYS A 183 -4.15 -23.32 27.41
N ALA A 184 -4.38 -22.29 26.57
CA ALA A 184 -3.29 -21.48 26.01
C ALA A 184 -3.47 -19.94 26.17
N GLU A 185 -2.37 -19.23 26.42
CA GLU A 185 -2.38 -17.76 26.36
C GLU A 185 -3.38 -17.08 27.36
N ALA A 186 -3.61 -17.71 28.51
CA ALA A 186 -4.65 -17.15 29.41
C ALA A 186 -4.02 -16.01 30.20
N ASP A 187 -2.69 -16.06 30.32
CA ASP A 187 -1.81 -14.99 30.82
C ASP A 187 -1.74 -13.71 29.95
N ARG A 188 -2.50 -13.67 28.84
CA ARG A 188 -2.47 -12.53 27.89
C ARG A 188 -3.82 -12.06 27.42
N ILE A 189 -4.92 -12.58 27.99
CA ILE A 189 -6.24 -12.14 27.49
C ILE A 189 -6.35 -10.66 27.74
N VAL A 190 -6.97 -9.98 26.81
CA VAL A 190 -7.12 -8.58 27.05
C VAL A 190 -8.53 -8.41 27.54
N PHE A 191 -9.43 -9.09 26.87
CA PHE A 191 -10.84 -9.09 27.16
C PHE A 191 -11.48 -10.39 26.66
N GLU A 192 -12.50 -10.83 27.39
CA GLU A 192 -13.33 -11.94 26.94
C GLU A 192 -14.77 -11.60 27.23
N ASN A 193 -15.63 -11.76 26.24
CA ASN A 193 -17.06 -11.95 26.46
C ASN A 193 -17.38 -13.47 26.32
N PRO A 194 -17.56 -14.23 27.43
CA PRO A 194 -17.96 -15.67 27.30
C PRO A 194 -19.29 -16.14 26.58
N ASP A 195 -20.26 -15.31 26.27
CA ASP A 195 -21.45 -15.85 25.60
C ASP A 195 -21.15 -16.86 24.43
N PRO A 196 -21.38 -18.16 24.59
CA PRO A 196 -21.14 -19.10 23.48
C PRO A 196 -21.69 -18.69 22.15
N SER A 197 -22.76 -17.93 22.01
CA SER A 197 -23.30 -17.67 20.68
C SER A 197 -22.71 -16.33 20.04
N ASP A 198 -22.83 -15.19 20.76
CA ASP A 198 -22.13 -13.95 20.38
C ASP A 198 -20.91 -13.46 21.23
N GLY A 199 -20.14 -14.32 21.84
CA GLY A 199 -18.97 -13.79 22.53
C GLY A 199 -17.68 -14.17 21.81
N PHE A 200 -16.51 -13.94 22.42
CA PHE A 200 -15.21 -13.97 21.71
C PHE A 200 -14.17 -13.61 22.77
N VAL A 201 -12.91 -13.94 22.51
CA VAL A 201 -11.77 -13.60 23.35
C VAL A 201 -10.85 -12.66 22.49
N LEU A 202 -10.06 -11.79 23.14
CA LEU A 202 -9.30 -10.71 22.48
C LEU A 202 -7.93 -10.76 23.05
N ILE A 203 -6.98 -11.15 22.21
CA ILE A 203 -5.62 -11.36 22.67
C ILE A 203 -4.72 -10.61 21.70
N PRO A 204 -3.52 -10.30 22.15
CA PRO A 204 -2.52 -9.77 21.24
C PRO A 204 -2.28 -10.79 20.16
N ASP A 205 -2.10 -10.29 18.94
CA ASP A 205 -1.70 -11.16 17.88
C ASP A 205 -0.23 -11.52 18.11
N LEU A 206 0.23 -12.71 17.71
CA LEU A 206 1.69 -13.04 17.83
C LEU A 206 2.63 -12.05 17.08
N LYS A 207 2.05 -11.28 16.15
CA LYS A 207 2.85 -10.37 15.35
C LYS A 207 3.41 -9.18 16.15
N TRP A 208 2.85 -8.94 17.37
CA TRP A 208 3.19 -7.78 18.21
C TRP A 208 4.02 -8.11 19.46
N ASN A 209 5.15 -7.44 19.61
CA ASN A 209 5.97 -7.68 20.80
C ASN A 209 5.47 -6.92 22.06
N GLN A 210 4.36 -6.21 21.92
CA GLN A 210 3.78 -5.39 23.00
C GLN A 210 4.65 -4.28 23.66
N GLN A 211 5.81 -3.95 23.10
CA GLN A 211 6.66 -2.90 23.71
C GLN A 211 6.25 -1.43 23.44
N GLN A 212 5.35 -1.18 22.46
CA GLN A 212 4.89 0.18 22.08
C GLN A 212 3.50 0.15 21.37
N LEU A 213 2.75 1.25 21.35
CA LEU A 213 1.41 1.25 20.73
C LEU A 213 1.37 1.56 19.23
N ASP A 214 2.51 1.96 18.69
CA ASP A 214 2.70 2.26 17.24
C ASP A 214 2.15 1.18 16.37
N ASP A 215 2.58 -0.03 16.70
CA ASP A 215 2.26 -1.15 15.85
C ASP A 215 1.29 -2.09 16.53
N LEU A 216 0.39 -1.50 17.30
CA LEU A 216 -0.58 -2.30 18.06
C LEU A 216 -1.32 -3.26 17.15
N TYR A 217 -1.33 -4.54 17.49
CA TYR A 217 -2.13 -5.52 16.70
C TYR A 217 -2.85 -6.56 17.61
N LEU A 218 -4.18 -6.67 17.50
CA LEU A 218 -4.89 -7.72 18.28
C LEU A 218 -5.79 -8.55 17.42
N ILE A 219 -6.00 -9.83 17.79
CA ILE A 219 -7.12 -10.57 17.16
C ILE A 219 -8.29 -10.95 18.11
N ALA A 220 -9.49 -10.92 17.55
CA ALA A 220 -10.61 -11.37 18.26
C ALA A 220 -11.16 -12.68 17.62
N ILE A 221 -11.19 -13.78 18.39
CA ILE A 221 -11.73 -15.08 17.94
C ILE A 221 -13.03 -15.39 18.67
N CYS A 222 -14.06 -15.74 17.91
CA CYS A 222 -15.42 -15.82 18.39
C CYS A 222 -15.62 -17.15 19.07
N HIS A 223 -16.59 -17.20 20.00
CA HIS A 223 -16.85 -18.47 20.76
C HIS A 223 -17.59 -19.46 19.84
N ARG A 224 -18.63 -19.01 19.11
CA ARG A 224 -19.46 -19.91 18.26
C ARG A 224 -18.59 -20.53 17.24
N ARG A 225 -18.76 -21.85 17.06
CA ARG A 225 -17.89 -22.63 16.18
C ARG A 225 -18.47 -22.78 14.81
N GLY A 226 -17.57 -23.17 13.90
CA GLY A 226 -17.86 -23.36 12.50
C GLY A 226 -18.21 -22.12 11.74
N ILE A 227 -17.78 -20.92 12.21
CA ILE A 227 -17.92 -19.79 11.21
C ILE A 227 -16.62 -19.71 10.47
N ARG A 228 -16.67 -20.12 9.19
CA ARG A 228 -15.40 -20.41 8.50
C ARG A 228 -14.63 -19.08 8.15
N SER A 229 -15.42 -18.14 7.66
CA SER A 229 -14.88 -16.93 7.14
C SER A 229 -16.12 -16.10 6.93
N LEU A 230 -15.89 -14.87 6.48
CA LEU A 230 -16.82 -13.96 5.86
C LEU A 230 -17.87 -14.63 5.01
N ARG A 231 -17.52 -15.70 4.30
CA ARG A 231 -18.50 -16.31 3.37
C ARG A 231 -19.65 -16.97 4.19
N ASP A 232 -19.39 -17.24 5.47
CA ASP A 232 -20.45 -17.81 6.29
C ASP A 232 -21.34 -16.76 7.02
N LEU A 233 -21.13 -15.46 6.78
CA LEU A 233 -21.88 -14.51 7.56
C LEU A 233 -23.28 -14.18 7.06
N THR A 234 -24.27 -14.25 8.00
CA THR A 234 -25.64 -13.76 7.68
C THR A 234 -26.23 -12.84 8.79
N PRO A 235 -27.42 -12.31 8.56
CA PRO A 235 -28.03 -11.45 9.59
C PRO A 235 -28.12 -12.09 10.97
N GLU A 236 -28.22 -13.42 11.13
CA GLU A 236 -28.05 -14.05 12.50
C GLU A 236 -26.75 -13.73 13.24
N HIS A 237 -25.79 -13.23 12.49
CA HIS A 237 -24.44 -12.97 13.03
C HIS A 237 -24.38 -11.54 13.55
N LEU A 238 -25.40 -10.78 13.22
CA LEU A 238 -25.34 -9.37 13.55
C LEU A 238 -24.94 -9.19 15.03
N PRO A 239 -25.51 -9.91 16.04
CA PRO A 239 -25.04 -9.66 17.43
C PRO A 239 -23.60 -10.01 17.71
N LEU A 240 -23.10 -11.06 17.07
CA LEU A 240 -21.69 -11.45 17.26
C LEU A 240 -20.73 -10.28 16.75
N LEU A 241 -21.04 -9.85 15.55
CA LEU A 241 -20.29 -8.79 14.90
C LEU A 241 -20.22 -7.48 15.75
N ARG A 242 -21.44 -6.96 16.03
CA ARG A 242 -21.68 -5.74 16.81
C ARG A 242 -20.92 -5.92 18.05
N ASN A 243 -21.08 -7.11 18.61
CA ASN A 243 -20.46 -7.35 19.86
C ASN A 243 -19.07 -7.03 19.63
N ILE A 244 -18.36 -7.75 18.71
CA ILE A 244 -16.87 -7.62 18.48
C ILE A 244 -16.30 -6.19 18.36
N LEU A 245 -16.91 -5.44 17.47
CA LEU A 245 -16.56 -4.06 17.18
C LEU A 245 -16.59 -3.22 18.45
N HIS A 246 -17.77 -3.24 19.10
CA HIS A 246 -18.05 -2.38 20.26
C HIS A 246 -17.42 -2.72 21.57
N GLN A 247 -17.55 -3.97 22.04
CA GLN A 247 -16.79 -4.33 23.23
C GLN A 247 -15.32 -4.42 22.99
N GLY A 248 -14.95 -4.77 21.74
CA GLY A 248 -13.54 -4.78 21.34
C GLY A 248 -12.88 -3.42 21.55
N GLN A 249 -13.50 -2.39 20.98
CA GLN A 249 -12.97 -1.02 21.15
C GLN A 249 -12.90 -0.57 22.65
N GLU A 250 -14.03 -0.70 23.33
CA GLU A 250 -14.01 -0.49 24.79
C GLU A 250 -12.89 -1.21 25.52
N ALA A 251 -12.64 -2.48 25.18
CA ALA A 251 -11.49 -3.14 25.84
C ALA A 251 -10.14 -2.45 25.59
N ILE A 252 -9.96 -1.95 24.37
CA ILE A 252 -8.70 -1.36 23.96
C ILE A 252 -8.54 0.05 24.60
N LEU A 253 -9.63 0.81 24.58
CA LEU A 253 -9.73 2.01 25.40
C LEU A 253 -9.27 1.79 26.85
N GLN A 254 -9.90 0.85 27.59
CA GLN A 254 -9.61 0.79 29.05
C GLN A 254 -8.21 0.26 29.36
N ARG A 255 -7.73 -0.59 28.44
CA ARG A 255 -6.43 -1.22 28.58
C ARG A 255 -5.34 -0.29 28.06
N TYR A 256 -5.57 0.33 26.88
CA TYR A 256 -4.41 1.04 26.26
C TYR A 256 -4.53 2.58 26.15
N ARG A 257 -5.73 3.06 26.37
CA ARG A 257 -6.09 4.51 26.39
C ARG A 257 -6.24 4.95 24.92
N MET A 258 -6.67 3.99 24.08
CA MET A 258 -6.71 4.21 22.65
C MET A 258 -8.15 4.19 22.12
N LYS A 259 -8.54 5.32 21.59
CA LYS A 259 -9.88 5.53 21.09
C LYS A 259 -10.18 4.77 19.81
N GLY A 260 -11.48 4.60 19.53
CA GLY A 260 -11.93 3.82 18.40
C GLY A 260 -11.49 4.42 17.05
N ASP A 261 -11.49 5.75 16.98
CA ASP A 261 -11.09 6.44 15.76
C ASP A 261 -9.59 6.29 15.42
N HIS A 262 -8.88 5.62 16.30
CA HIS A 262 -7.45 5.31 16.16
C HIS A 262 -7.24 3.85 15.73
N LEU A 263 -8.32 3.16 15.37
CA LEU A 263 -8.26 1.71 15.12
C LEU A 263 -8.72 1.29 13.76
N ARG A 264 -8.01 0.37 13.16
CA ARG A 264 -8.54 -0.19 11.93
C ARG A 264 -9.05 -1.60 12.22
N VAL A 265 -10.32 -1.87 11.99
CA VAL A 265 -10.87 -3.15 12.46
C VAL A 265 -11.50 -3.91 11.34
N TYR A 266 -11.00 -5.12 11.15
CA TYR A 266 -11.39 -5.78 9.89
C TYR A 266 -11.14 -7.28 9.95
N LEU A 267 -11.68 -7.94 8.95
CA LEU A 267 -11.41 -9.37 8.70
C LEU A 267 -10.61 -9.55 7.37
N HIS A 268 -9.75 -10.58 7.35
CA HIS A 268 -9.24 -11.11 6.07
C HIS A 268 -10.17 -12.00 5.23
N TYR A 269 -10.13 -11.80 3.92
CA TYR A 269 -10.65 -12.79 3.03
C TYR A 269 -9.62 -12.86 1.88
N LEU A 270 -9.03 -14.02 1.63
CA LEU A 270 -9.21 -15.29 2.37
C LEU A 270 -8.41 -15.32 3.68
N PRO A 271 -8.96 -15.80 4.79
CA PRO A 271 -8.11 -15.92 5.99
C PRO A 271 -7.11 -17.04 5.87
N SER A 272 -6.09 -17.07 6.69
CA SER A 272 -5.33 -18.31 6.73
C SER A 272 -5.99 -19.40 7.57
N TYR A 273 -6.61 -19.00 8.69
CA TYR A 273 -7.28 -19.95 9.59
C TYR A 273 -8.79 -19.78 9.46
N TYR A 274 -9.45 -20.92 9.18
CA TYR A 274 -10.89 -20.86 8.95
C TYR A 274 -11.85 -20.92 10.19
N HIS A 275 -11.54 -20.09 11.19
CA HIS A 275 -12.43 -19.79 12.29
C HIS A 275 -12.46 -18.26 12.40
N LEU A 276 -13.61 -17.68 12.08
CA LEU A 276 -13.77 -16.22 12.03
C LEU A 276 -12.85 -15.50 13.03
N ASN A 277 -12.06 -14.54 12.53
CA ASN A 277 -11.10 -13.83 13.41
C ASN A 277 -10.99 -12.35 12.98
N VAL A 278 -11.08 -11.44 13.93
CA VAL A 278 -11.17 -10.01 13.56
C VAL A 278 -9.89 -9.34 13.92
N HIS A 279 -9.42 -8.46 13.05
CA HIS A 279 -8.08 -7.90 13.29
C HIS A 279 -8.20 -6.45 13.74
N PHE A 280 -7.45 -6.10 14.79
CA PHE A 280 -7.44 -4.76 15.37
C PHE A 280 -6.04 -4.16 15.24
N THR A 281 -5.84 -3.16 14.35
CA THR A 281 -4.47 -2.59 14.34
C THR A 281 -4.51 -1.08 14.59
N ALA A 282 -3.42 -0.54 15.10
CA ALA A 282 -3.29 0.93 15.14
C ALA A 282 -3.51 1.49 13.72
N LEU A 283 -4.36 2.51 13.59
CA LEU A 283 -4.54 3.24 12.34
C LEU A 283 -3.20 3.67 11.69
N GLY A 284 -2.25 4.10 12.53
CA GLY A 284 -0.99 4.65 12.04
C GLY A 284 -0.02 3.60 11.52
N PHE A 285 -0.40 2.32 11.62
CA PHE A 285 0.51 1.20 11.41
C PHE A 285 -0.06 0.59 10.15
N GLU A 286 0.75 0.68 9.09
CA GLU A 286 0.33 0.21 7.81
C GLU A 286 0.51 -1.29 7.81
N ALA A 287 -0.39 -1.99 8.53
CA ALA A 287 -0.17 -3.42 8.76
C ALA A 287 -0.17 -4.27 7.47
N PRO A 288 0.77 -5.18 7.30
CA PRO A 288 0.68 -6.14 6.20
C PRO A 288 -0.69 -6.78 6.28
N GLY A 289 -1.34 -6.96 5.14
CA GLY A 289 -2.60 -7.62 5.10
C GLY A 289 -3.73 -6.66 5.36
N SER A 290 -3.44 -5.36 5.41
CA SER A 290 -4.58 -4.42 5.53
C SER A 290 -4.95 -3.84 4.19
N GLY A 291 -4.45 -4.39 3.07
CA GLY A 291 -4.77 -3.87 1.75
C GLY A 291 -6.17 -4.13 1.30
N VAL A 292 -6.66 -3.28 0.43
CA VAL A 292 -7.99 -3.48 -0.12
C VAL A 292 -8.27 -4.85 -0.77
N GLU A 293 -7.23 -5.53 -1.30
CA GLU A 293 -7.40 -6.79 -1.95
C GLU A 293 -7.55 -7.92 -0.92
N ARG A 294 -7.38 -7.62 0.37
CA ARG A 294 -7.60 -8.60 1.42
C ARG A 294 -8.54 -8.26 2.63
N ALA A 295 -8.61 -6.99 3.04
CA ALA A 295 -9.19 -6.56 4.32
C ALA A 295 -10.58 -6.06 4.10
N HIS A 296 -11.49 -6.36 5.04
CA HIS A 296 -12.92 -5.96 4.94
C HIS A 296 -13.33 -5.24 6.24
N LEU A 297 -13.71 -3.95 6.18
CA LEU A 297 -13.93 -3.26 7.47
C LEU A 297 -15.02 -3.98 8.32
N LEU A 298 -14.76 -4.35 9.56
CA LEU A 298 -15.92 -4.87 10.39
C LEU A 298 -17.25 -4.09 10.31
N ALA A 299 -17.20 -2.76 10.47
CA ALA A 299 -18.40 -1.97 10.46
C ALA A 299 -19.15 -1.96 9.19
N GLU A 300 -18.48 -2.11 8.04
CA GLU A 300 -19.22 -2.14 6.76
C GLU A 300 -19.74 -3.53 6.48
N VAL A 301 -19.09 -4.52 7.04
CA VAL A 301 -19.63 -5.90 6.97
C VAL A 301 -20.98 -5.85 7.69
N ILE A 302 -20.97 -5.41 8.96
CA ILE A 302 -22.25 -5.07 9.61
C ILE A 302 -23.29 -4.33 8.71
N GLU A 303 -22.96 -3.14 8.17
CA GLU A 303 -24.03 -2.42 7.47
C GLU A 303 -24.42 -3.13 6.20
N ASN A 304 -23.50 -3.92 5.67
CA ASN A 304 -23.81 -4.66 4.45
C ASN A 304 -24.90 -5.75 4.75
N LEU A 305 -24.75 -6.41 5.90
CA LEU A 305 -25.79 -7.35 6.36
C LEU A 305 -27.13 -6.63 6.48
N GLU A 306 -27.15 -5.46 7.14
CA GLU A 306 -28.32 -4.67 7.36
C GLU A 306 -29.04 -4.31 6.07
N CYS A 307 -28.36 -4.16 4.96
CA CYS A 307 -29.10 -3.68 3.79
C CYS A 307 -29.24 -4.68 2.67
N ASP A 308 -28.54 -5.79 2.78
CA ASP A 308 -28.46 -6.78 1.70
C ASP A 308 -28.22 -8.12 2.42
N PRO A 309 -29.28 -8.73 3.05
CA PRO A 309 -29.12 -9.88 3.99
C PRO A 309 -28.27 -11.13 3.47
N ARG A 310 -28.42 -11.39 2.19
CA ARG A 310 -27.60 -12.44 1.61
C ARG A 310 -26.13 -12.00 1.05
N HIS A 311 -25.84 -10.68 1.00
CA HIS A 311 -24.56 -10.13 0.48
C HIS A 311 -23.42 -11.14 0.27
N TYR A 312 -22.91 -11.67 1.36
CA TYR A 312 -21.77 -12.49 1.35
C TYR A 312 -21.87 -13.92 0.78
N GLN A 313 -23.07 -14.34 0.36
CA GLN A 313 -23.20 -15.62 -0.30
C GLN A 313 -23.44 -15.31 -1.71
N GLN A 314 -23.98 -14.14 -2.04
CA GLN A 314 -24.30 -13.91 -3.44
C GLN A 314 -23.14 -13.11 -4.15
N ARG A 315 -22.56 -12.13 -3.46
CA ARG A 315 -21.69 -11.19 -4.18
C ARG A 315 -20.29 -11.80 -4.50
N THR A 316 -19.65 -11.27 -5.53
CA THR A 316 -18.30 -11.72 -5.95
C THR A 316 -17.34 -10.96 -5.06
N LEU A 317 -16.47 -11.71 -4.40
CA LEU A 317 -15.39 -11.20 -3.61
C LEU A 317 -14.01 -11.40 -4.27
N THR A 318 -13.12 -10.44 -4.01
CA THR A 318 -11.74 -10.37 -4.64
C THR A 318 -10.69 -10.72 -3.63
N PHE A 319 -9.74 -11.57 -3.99
CA PHE A 319 -8.58 -11.76 -3.06
C PHE A 319 -7.36 -12.24 -3.79
N ALA A 320 -6.24 -12.40 -3.08
CA ALA A 320 -4.99 -12.79 -3.75
C ALA A 320 -4.59 -14.18 -3.23
N LEU A 321 -4.01 -15.03 -4.09
CA LEU A 321 -3.54 -16.31 -3.70
C LEU A 321 -2.08 -16.45 -4.07
N ARG A 322 -1.38 -17.25 -3.27
CA ARG A 322 -0.05 -17.67 -3.66
C ARG A 322 0.04 -18.39 -4.98
N ALA A 323 1.09 -18.10 -5.72
CA ALA A 323 1.30 -18.71 -7.03
C ALA A 323 1.20 -20.25 -7.08
N ASP A 324 1.51 -20.91 -5.98
CA ASP A 324 1.61 -22.36 -5.86
C ASP A 324 0.41 -22.89 -5.02
N ASP A 325 -0.65 -22.09 -4.79
CA ASP A 325 -1.80 -22.55 -4.03
C ASP A 325 -2.66 -23.44 -4.97
N PRO A 326 -2.94 -24.70 -4.62
CA PRO A 326 -3.72 -25.54 -5.56
C PRO A 326 -5.12 -24.95 -5.85
N LEU A 327 -5.67 -24.24 -4.85
CA LEU A 327 -6.92 -23.49 -4.98
C LEU A 327 -6.88 -22.53 -6.14
N LEU A 328 -5.71 -21.89 -6.31
CA LEU A 328 -5.57 -20.99 -7.47
C LEU A 328 -5.84 -21.70 -8.79
N LYS A 329 -5.13 -22.80 -9.05
CA LYS A 329 -5.34 -23.60 -10.30
C LYS A 329 -6.83 -24.02 -10.46
N LEU A 330 -7.41 -24.51 -9.36
CA LEU A 330 -8.89 -24.83 -9.36
C LEU A 330 -9.77 -23.70 -9.81
N LEU A 331 -9.57 -22.48 -9.26
CA LEU A 331 -10.45 -21.35 -9.61
C LEU A 331 -10.20 -20.92 -11.06
N GLN A 332 -8.94 -20.89 -11.47
CA GLN A 332 -8.58 -20.47 -12.83
C GLN A 332 -9.15 -21.43 -13.89
N GLU A 333 -9.05 -22.72 -13.62
CA GLU A 333 -9.65 -23.76 -14.47
C GLU A 333 -11.19 -23.61 -14.53
N ALA A 334 -11.89 -23.47 -13.40
CA ALA A 334 -13.33 -23.19 -13.44
C ALA A 334 -13.77 -21.96 -14.18
N GLN A 335 -12.94 -20.91 -14.21
CA GLN A 335 -13.33 -19.67 -14.87
C GLN A 335 -12.85 -19.54 -16.31
N GLN A 336 -11.97 -20.43 -16.77
CA GLN A 336 -11.51 -20.41 -18.20
C GLN A 336 -12.65 -20.78 -19.21
N ALA B 38 20.30 15.04 -21.32
CA ALA B 38 21.16 16.20 -20.89
C ALA B 38 20.59 16.80 -19.61
N PRO B 39 21.42 16.96 -18.55
CA PRO B 39 20.92 17.23 -17.18
C PRO B 39 20.51 18.69 -16.86
N VAL B 40 19.56 18.86 -15.94
CA VAL B 40 18.97 20.16 -15.64
C VAL B 40 19.20 20.48 -14.18
N ARG B 41 18.66 21.61 -13.77
CA ARG B 41 18.81 22.07 -12.40
C ARG B 41 17.39 22.12 -11.86
N LEU B 42 17.31 22.24 -10.52
CA LEU B 42 16.09 22.59 -9.83
C LEU B 42 15.45 23.79 -10.49
N PRO B 43 14.15 23.86 -10.59
CA PRO B 43 13.53 24.97 -11.34
C PRO B 43 13.65 26.26 -10.51
N PHE B 44 14.56 26.36 -9.50
CA PHE B 44 14.62 27.57 -8.65
C PHE B 44 16.10 27.72 -8.20
N SER B 45 16.43 28.87 -7.60
CA SER B 45 17.76 29.06 -7.02
C SER B 45 17.75 28.94 -5.52
N GLY B 46 18.77 28.31 -4.93
CA GLY B 46 18.85 28.27 -3.46
C GLY B 46 17.94 27.19 -2.94
N PHE B 47 18.13 26.70 -1.76
CA PHE B 47 17.07 25.98 -1.15
C PHE B 47 17.52 26.18 0.27
N ARG B 48 16.75 26.82 1.08
CA ARG B 48 17.19 26.84 2.43
C ARG B 48 16.14 26.08 3.22
N LEU B 49 16.51 24.99 3.87
CA LEU B 49 15.62 24.20 4.68
C LEU B 49 14.78 24.98 5.71
N GLN B 50 13.44 24.88 5.70
CA GLN B 50 12.69 25.41 6.80
C GLN B 50 12.24 24.32 7.70
N LYS B 51 11.92 23.16 7.13
CA LYS B 51 11.19 22.13 7.90
C LYS B 51 11.11 20.79 7.16
N VAL B 52 11.41 19.73 7.93
CA VAL B 52 11.22 18.38 7.52
C VAL B 52 9.78 18.18 7.76
N LEU B 53 8.97 18.13 6.68
CA LEU B 53 7.58 17.92 6.85
C LEU B 53 7.34 16.47 7.33
N ARG B 54 8.10 15.53 6.77
CA ARG B 54 7.88 14.17 7.06
C ARG B 54 9.07 13.34 6.68
N GLU B 55 9.39 12.34 7.54
CA GLU B 55 10.38 11.36 7.12
C GLU B 55 10.05 9.99 7.56
N SER B 56 10.46 9.01 6.79
CA SER B 56 10.20 7.66 7.25
C SER B 56 11.38 6.79 7.04
N ALA B 57 12.02 6.26 8.09
CA ALA B 57 13.21 5.40 7.83
C ALA B 57 12.79 4.08 7.07
N ARG B 58 11.63 3.54 7.39
CA ARG B 58 11.11 2.34 6.80
C ARG B 58 10.92 2.47 5.30
N ASP B 59 10.41 3.60 4.83
CA ASP B 59 10.05 3.76 3.40
C ASP B 59 11.20 4.45 2.73
N LYS B 60 12.20 4.84 3.50
CA LYS B 60 13.42 5.53 2.89
C LYS B 60 12.96 6.78 2.07
N ILE B 61 12.22 7.62 2.76
CA ILE B 61 11.73 8.78 2.08
C ILE B 61 11.74 9.94 3.03
N ILE B 62 11.89 11.11 2.43
CA ILE B 62 11.90 12.37 3.14
C ILE B 62 11.21 13.54 2.33
N PHE B 63 10.43 14.36 3.02
CA PHE B 63 9.74 15.49 2.36
C PHE B 63 10.17 16.79 3.01
N LEU B 64 10.81 17.68 2.26
CA LEU B 64 11.34 18.95 2.85
C LEU B 64 10.68 20.24 2.32
N HIS B 65 10.43 21.20 3.23
CA HIS B 65 9.94 22.57 2.86
C HIS B 65 11.17 23.47 2.94
N GLY B 66 11.51 24.05 1.78
CA GLY B 66 12.62 24.94 1.60
C GLY B 66 12.09 26.34 1.21
N LYS B 67 12.89 27.39 1.52
CA LYS B 67 12.71 28.72 0.97
C LYS B 67 13.61 28.83 -0.23
N VAL B 68 13.11 29.35 -1.35
CA VAL B 68 13.90 29.36 -2.57
C VAL B 68 13.80 30.78 -3.12
N ASN B 69 14.71 31.16 -4.03
CA ASN B 69 14.68 32.46 -4.75
C ASN B 69 14.75 33.66 -3.81
N GLU B 70 15.48 33.51 -2.69
CA GLU B 70 15.51 34.61 -1.68
C GLU B 70 16.32 35.84 -2.08
N ALA B 71 17.15 35.74 -3.07
CA ALA B 71 18.02 36.79 -3.44
C ALA B 71 17.44 37.58 -4.57
N SER B 72 16.14 37.61 -4.64
CA SER B 72 15.46 38.41 -5.73
C SER B 72 14.23 39.09 -5.17
N GLY B 73 13.77 40.08 -5.91
CA GLY B 73 12.53 40.78 -5.57
C GLY B 73 12.57 41.38 -4.20
N ASP B 74 11.57 41.09 -3.43
CA ASP B 74 11.54 41.61 -2.10
C ASP B 74 12.31 40.81 -1.00
N GLY B 75 13.02 39.76 -1.38
CA GLY B 75 13.94 39.17 -0.44
C GLY B 75 13.28 38.10 0.43
N ASP B 76 11.98 37.82 0.30
CA ASP B 76 11.24 36.81 1.09
C ASP B 76 11.41 35.43 0.48
N GLY B 77 11.60 35.38 -0.84
CA GLY B 77 11.60 34.14 -1.63
C GLY B 77 10.22 33.45 -1.69
N GLU B 78 10.21 32.14 -1.95
CA GLU B 78 8.98 31.38 -2.20
C GLU B 78 9.19 30.07 -1.54
N ASP B 79 8.10 29.34 -1.39
CA ASP B 79 8.12 27.97 -0.86
C ASP B 79 8.23 26.90 -1.91
N ALA B 80 9.05 25.89 -1.60
CA ALA B 80 9.06 24.69 -2.41
C ALA B 80 9.04 23.49 -1.54
N VAL B 81 8.66 22.38 -2.16
CA VAL B 81 8.74 21.12 -1.43
C VAL B 81 9.62 20.28 -2.28
N VAL B 82 10.66 19.64 -1.68
CA VAL B 82 11.42 18.63 -2.34
C VAL B 82 11.21 17.29 -1.63
N ILE B 83 10.99 16.24 -2.41
CA ILE B 83 10.71 14.88 -1.88
C ILE B 83 11.72 13.94 -2.48
N LEU B 84 12.42 13.21 -1.61
CA LEU B 84 13.45 12.27 -2.01
C LEU B 84 13.13 10.91 -1.50
N GLU B 85 13.16 9.97 -2.43
CA GLU B 85 12.83 8.61 -2.15
C GLU B 85 13.89 7.70 -2.70
N LYS B 86 14.45 6.84 -1.80
CA LYS B 86 15.37 5.84 -2.36
C LYS B 86 14.56 4.85 -3.31
N THR B 87 15.20 4.27 -4.34
CA THR B 87 14.53 3.47 -5.31
C THR B 87 14.68 1.92 -5.04
N PRO B 88 13.73 1.17 -5.59
CA PRO B 88 13.74 -0.33 -5.50
C PRO B 88 14.97 -0.83 -6.20
N PHE B 89 15.51 -1.98 -5.78
CA PHE B 89 16.56 -2.61 -6.52
C PHE B 89 16.08 -3.22 -7.81
N GLN B 90 16.99 -3.24 -8.79
CA GLN B 90 16.93 -3.99 -10.04
C GLN B 90 17.89 -5.21 -9.90
N VAL B 91 17.29 -6.34 -9.70
CA VAL B 91 18.03 -7.58 -9.32
C VAL B 91 19.22 -7.85 -10.25
N GLU B 92 19.09 -7.61 -11.55
CA GLU B 92 20.24 -7.93 -12.43
C GLU B 92 21.45 -7.11 -12.18
N GLN B 93 21.24 -5.83 -11.88
CA GLN B 93 22.39 -4.95 -11.61
C GLN B 93 23.02 -5.38 -10.27
N VAL B 94 22.15 -5.75 -9.31
CA VAL B 94 22.60 -6.23 -8.02
C VAL B 94 23.43 -7.49 -8.26
N ALA B 95 22.84 -8.51 -8.89
CA ALA B 95 23.58 -9.77 -9.17
C ALA B 95 24.94 -9.55 -9.87
N GLN B 96 24.95 -8.63 -10.81
CA GLN B 96 26.23 -8.31 -11.49
C GLN B 96 27.29 -7.63 -10.56
N LEU B 97 26.81 -6.81 -9.61
CA LEU B 97 27.68 -6.10 -8.67
C LEU B 97 28.33 -7.14 -7.71
N LEU B 98 27.52 -8.08 -7.25
CA LEU B 98 27.99 -9.03 -6.23
C LEU B 98 28.87 -10.13 -6.82
N THR B 99 28.88 -10.19 -8.15
CA THR B 99 29.80 -11.03 -8.84
C THR B 99 31.25 -10.55 -8.84
N GLY B 100 31.50 -9.22 -8.71
CA GLY B 100 32.83 -8.64 -8.71
C GLY B 100 33.46 -8.40 -7.34
N SER B 101 33.98 -7.18 -7.15
CA SER B 101 34.55 -6.75 -5.89
C SER B 101 33.99 -5.35 -5.49
N PRO B 102 32.88 -5.36 -4.74
CA PRO B 102 32.19 -4.12 -4.47
C PRO B 102 32.91 -3.41 -3.38
N GLU B 103 32.74 -2.09 -3.39
CA GLU B 103 33.22 -1.27 -2.31
C GLU B 103 32.38 -1.50 -1.03
N LEU B 104 33.05 -2.00 0.04
CA LEU B 104 32.42 -2.47 1.29
C LEU B 104 33.13 -2.01 2.62
N GLN B 105 32.39 -1.78 3.70
CA GLN B 105 32.95 -1.80 5.04
C GLN B 105 32.14 -2.73 5.88
N LEU B 106 32.88 -3.44 6.73
CA LEU B 106 32.31 -4.45 7.54
C LEU B 106 31.72 -3.84 8.86
N GLN B 107 30.45 -4.02 9.06
CA GLN B 107 29.80 -3.61 10.30
C GLN B 107 29.55 -4.67 11.42
N PHE B 108 29.19 -5.95 11.10
CA PHE B 108 29.06 -7.11 12.08
C PHE B 108 29.56 -8.39 11.44
N SER B 109 30.18 -9.25 12.25
CA SER B 109 30.84 -10.45 11.76
C SER B 109 30.56 -11.52 12.82
N ASN B 110 30.02 -12.66 12.38
CA ASN B 110 30.04 -13.86 13.22
C ASN B 110 29.74 -15.11 12.45
N ASP B 111 30.80 -15.93 12.33
CA ASP B 111 30.71 -17.29 11.81
C ASP B 111 30.21 -17.22 10.34
N ILE B 112 28.89 -17.48 10.10
CA ILE B 112 28.24 -17.38 8.77
C ILE B 112 27.42 -16.06 8.47
N TYR B 113 26.92 -15.39 9.50
CA TYR B 113 26.32 -14.05 9.38
C TYR B 113 27.35 -12.86 9.33
N SER B 114 26.96 -11.76 8.67
CA SER B 114 27.77 -10.51 8.55
C SER B 114 27.00 -9.43 7.77
N THR B 115 27.19 -8.18 8.15
CA THR B 115 26.52 -7.00 7.65
C THR B 115 27.58 -6.02 7.25
N TYR B 116 27.46 -5.53 6.01
CA TYR B 116 28.36 -4.55 5.46
C TYR B 116 27.60 -3.29 5.16
N HIS B 117 28.36 -2.21 4.86
CA HIS B 117 27.87 -1.06 4.23
C HIS B 117 28.46 -1.22 2.84
N LEU B 118 27.59 -1.15 1.83
CA LEU B 118 27.99 -1.30 0.42
C LEU B 118 27.78 0.02 -0.24
N PHE B 119 28.71 0.45 -1.10
CA PHE B 119 28.62 1.74 -1.72
C PHE B 119 28.64 1.44 -3.25
N PRO B 120 27.46 1.34 -3.88
CA PRO B 120 27.47 0.92 -5.28
C PRO B 120 27.93 1.98 -6.29
N PRO B 121 28.19 1.50 -7.48
CA PRO B 121 28.46 2.41 -8.56
C PRO B 121 27.15 3.17 -8.85
N ARG B 122 27.37 4.33 -9.45
CA ARG B 122 26.44 5.35 -9.91
C ARG B 122 25.10 4.77 -10.30
N GLN B 123 25.13 3.75 -11.10
CA GLN B 123 23.93 3.27 -11.72
C GLN B 123 22.79 2.67 -10.78
N LEU B 124 23.21 2.24 -9.59
CA LEU B 124 22.34 1.71 -8.55
C LEU B 124 21.95 2.78 -7.51
N ASN B 125 22.38 4.03 -7.70
CA ASN B 125 22.14 5.03 -6.66
C ASN B 125 20.98 6.03 -6.89
N ASP B 126 20.22 5.81 -7.97
CA ASP B 126 19.11 6.71 -8.37
C ASP B 126 18.23 6.98 -7.22
N VAL B 127 17.98 8.27 -6.94
CA VAL B 127 17.00 8.73 -5.99
C VAL B 127 15.91 9.50 -6.71
N LYS B 128 14.72 9.09 -6.40
CA LYS B 128 13.55 9.60 -7.04
C LYS B 128 13.25 10.94 -6.32
N THR B 129 13.24 12.02 -7.10
CA THR B 129 13.18 13.37 -6.60
C THR B 129 11.95 14.05 -7.23
N THR B 130 11.07 14.55 -6.38
CA THR B 130 9.88 15.28 -6.80
C THR B 130 9.92 16.68 -6.23
N VAL B 131 9.59 17.68 -7.05
CA VAL B 131 9.64 19.09 -6.65
C VAL B 131 8.22 19.62 -6.80
N VAL B 132 7.71 20.29 -5.78
CA VAL B 132 6.46 21.05 -5.92
C VAL B 132 6.84 22.53 -5.82
N TYR B 133 6.64 23.31 -6.89
CA TYR B 133 7.12 24.69 -6.82
C TYR B 133 6.35 25.59 -7.78
N PRO B 134 5.80 26.73 -7.34
CA PRO B 134 5.73 27.11 -5.90
C PRO B 134 4.76 26.16 -5.17
N ALA B 135 5.05 25.88 -3.91
CA ALA B 135 4.23 25.00 -3.15
C ALA B 135 3.23 25.88 -2.42
N THR B 136 1.97 25.45 -2.36
CA THR B 136 0.95 26.24 -1.64
C THR B 136 0.93 25.82 -0.16
N GLU B 137 0.27 26.68 0.66
CA GLU B 137 -0.11 26.31 2.03
C GLU B 137 -0.83 24.96 2.10
N LYS B 138 -1.67 24.58 1.12
CA LYS B 138 -2.28 23.26 1.29
C LYS B 138 -1.32 22.10 1.03
N HIS B 139 -0.31 22.33 0.19
CA HIS B 139 0.76 21.31 0.09
C HIS B 139 1.49 21.09 1.37
N LEU B 140 1.95 22.21 1.96
CA LEU B 140 2.66 22.18 3.22
C LEU B 140 1.86 21.46 4.27
N GLN B 141 0.54 21.70 4.30
CA GLN B 141 -0.33 20.95 5.23
C GLN B 141 -0.43 19.46 4.96
N LYS B 142 -0.76 19.05 3.72
CA LYS B 142 -0.94 17.62 3.38
C LYS B 142 0.34 16.78 3.57
N TYR B 143 1.53 17.33 3.32
CA TYR B 143 2.76 16.53 3.42
C TYR B 143 3.29 16.42 4.82
N LEU B 144 2.78 17.26 5.71
CA LEU B 144 3.14 17.15 7.13
C LEU B 144 2.64 15.86 7.80
N ARG B 145 3.46 15.31 8.71
CA ARG B 145 3.09 14.49 9.93
C ARG B 145 1.65 14.07 10.16
N GLN B 146 1.28 13.03 9.41
CA GLN B 146 0.10 12.18 9.64
C GLN B 146 -0.05 11.75 11.11
N ASP B 147 -0.96 12.43 11.80
CA ASP B 147 -1.60 11.86 12.98
C ASP B 147 -3.08 11.67 12.68
N LEU B 148 -3.46 10.48 12.24
CA LEU B 148 -4.71 10.32 11.50
C LEU B 148 -5.85 9.79 12.38
N ARG B 149 -7.09 10.08 12.02
CA ARG B 149 -8.27 9.65 12.71
C ARG B 149 -9.26 9.19 11.67
N LEU B 150 -9.92 8.08 11.96
CA LEU B 150 -10.96 7.54 11.12
C LEU B 150 -12.28 8.24 11.26
N ILE B 151 -13.03 8.30 10.17
CA ILE B 151 -14.35 8.91 10.26
C ILE B 151 -15.33 8.19 9.35
N ARG B 152 -16.58 8.01 9.77
CA ARG B 152 -17.55 7.36 8.91
C ARG B 152 -18.57 8.35 8.34
N GLU B 153 -18.59 8.53 7.02
CA GLU B 153 -19.29 9.66 6.50
C GLU B 153 -20.54 9.15 5.86
N THR B 154 -21.70 9.56 6.41
CA THR B 154 -23.02 9.13 5.94
C THR B 154 -23.27 9.87 4.66
N GLY B 155 -24.16 9.39 3.82
CA GLY B 155 -24.51 10.17 2.64
C GLY B 155 -24.85 11.60 3.04
N ASP B 156 -25.49 11.76 4.22
CA ASP B 156 -26.08 13.01 4.65
C ASP B 156 -24.94 13.93 5.10
N ASP B 157 -24.08 13.41 5.99
CA ASP B 157 -22.84 14.11 6.31
C ASP B 157 -22.09 14.61 5.07
N TYR B 158 -22.25 13.89 3.95
CA TYR B 158 -21.56 14.23 2.72
C TYR B 158 -22.25 15.38 1.99
N ARG B 159 -23.56 15.28 1.77
CA ARG B 159 -24.26 16.42 1.20
C ARG B 159 -24.10 17.69 2.10
N ASN B 160 -24.12 17.51 3.42
CA ASN B 160 -24.38 18.65 4.32
C ASN B 160 -23.13 19.32 4.80
N ILE B 161 -22.05 18.53 4.86
CA ILE B 161 -20.86 18.98 5.54
C ILE B 161 -19.68 18.93 4.59
N THR B 162 -19.40 17.75 4.03
CA THR B 162 -18.24 17.59 3.14
C THR B 162 -18.36 18.34 1.82
N LEU B 163 -19.38 18.04 1.05
CA LEU B 163 -19.55 18.74 -0.19
C LEU B 163 -19.36 20.27 -0.06
N PRO B 164 -20.16 20.98 0.75
CA PRO B 164 -20.09 22.46 0.69
C PRO B 164 -18.73 22.89 1.21
N HIS B 165 -18.02 22.02 1.94
CA HIS B 165 -16.65 22.36 2.33
C HIS B 165 -15.53 21.86 1.41
N LEU B 166 -15.88 21.48 0.19
CA LEU B 166 -14.90 20.86 -0.71
C LEU B 166 -13.63 21.66 -0.99
N GLU B 167 -13.72 22.97 -1.32
CA GLU B 167 -12.47 23.77 -1.54
C GLU B 167 -11.34 23.44 -0.55
N SER B 168 -11.66 23.44 0.75
CA SER B 168 -10.62 23.27 1.78
C SER B 168 -9.84 21.91 1.76
N GLN B 169 -10.45 20.81 1.28
CA GLN B 169 -9.77 19.53 1.07
C GLN B 169 -8.95 19.40 -0.29
N SER B 170 -9.17 20.32 -1.23
CA SER B 170 -8.90 20.09 -2.64
C SER B 170 -7.71 20.89 -3.23
N LEU B 171 -6.96 20.28 -4.13
CA LEU B 171 -5.87 20.94 -4.72
C LEU B 171 -6.15 21.20 -6.18
N SER B 172 -5.56 22.28 -6.67
CA SER B 172 -5.64 22.52 -8.13
C SER B 172 -5.53 21.25 -8.99
N ILE B 173 -6.50 21.05 -9.92
CA ILE B 173 -6.34 20.00 -10.94
C ILE B 173 -5.82 20.55 -12.25
N GLN B 174 -5.13 21.68 -12.25
CA GLN B 174 -4.64 22.15 -13.55
C GLN B 174 -3.78 21.10 -14.23
N TRP B 175 -2.99 20.30 -13.45
CA TRP B 175 -2.11 19.33 -14.06
C TRP B 175 -2.96 18.26 -14.85
N VAL B 176 -4.13 17.97 -14.31
CA VAL B 176 -5.01 16.99 -14.94
C VAL B 176 -5.46 17.54 -16.34
N TYR B 177 -5.97 18.79 -16.36
CA TYR B 177 -6.27 19.48 -17.61
C TYR B 177 -5.11 19.51 -18.54
N ASN B 178 -3.89 19.71 -18.04
CA ASN B 178 -2.79 19.77 -18.98
C ASN B 178 -2.63 18.42 -19.71
N ILE B 179 -2.93 17.32 -19.02
CA ILE B 179 -2.70 16.03 -19.65
C ILE B 179 -3.85 15.82 -20.66
N LEU B 180 -5.06 16.10 -20.24
CA LEU B 180 -6.27 15.87 -21.07
C LEU B 180 -6.21 16.77 -22.34
N ASP B 181 -5.65 17.99 -22.26
CA ASP B 181 -5.56 19.01 -23.32
C ASP B 181 -4.28 18.80 -24.18
N LYS B 182 -3.47 17.81 -23.82
CA LYS B 182 -2.23 17.55 -24.52
C LYS B 182 -1.17 18.67 -24.35
N LYS B 183 -1.21 19.34 -23.21
CA LYS B 183 -0.22 20.37 -22.99
C LYS B 183 0.96 19.92 -22.08
N ALA B 184 0.84 18.80 -21.34
CA ALA B 184 2.01 18.26 -20.59
C ALA B 184 1.89 16.77 -20.69
N GLU B 185 3.02 16.06 -20.70
CA GLU B 185 3.04 14.63 -20.54
C GLU B 185 2.48 13.92 -21.78
N ALA B 186 2.26 14.65 -22.87
CA ALA B 186 1.67 13.95 -24.08
C ALA B 186 2.48 12.80 -24.53
N ASP B 187 3.79 12.89 -24.54
CA ASP B 187 4.56 11.78 -25.05
C ASP B 187 4.65 10.65 -23.98
N ARG B 188 3.97 10.79 -22.84
CA ARG B 188 4.01 9.65 -21.89
C ARG B 188 2.76 8.81 -21.93
N ILE B 189 1.75 9.31 -22.59
CA ILE B 189 0.44 8.65 -22.62
C ILE B 189 0.60 7.23 -23.00
N VAL B 190 0.15 6.32 -22.19
CA VAL B 190 0.20 4.96 -22.61
C VAL B 190 -1.04 4.48 -23.47
N PHE B 191 -2.24 5.00 -23.17
CA PHE B 191 -3.41 4.64 -23.98
C PHE B 191 -4.40 5.78 -23.82
N GLU B 192 -5.19 6.03 -24.88
CA GLU B 192 -6.32 6.94 -24.79
C GLU B 192 -7.61 6.42 -25.45
N ASN B 193 -8.72 6.46 -24.73
CA ASN B 193 -10.09 6.37 -25.26
C ASN B 193 -10.59 7.83 -25.32
N PRO B 194 -10.67 8.40 -26.54
CA PRO B 194 -10.86 9.84 -26.71
C PRO B 194 -12.28 10.25 -26.62
N ASP B 195 -13.20 9.31 -26.47
CA ASP B 195 -14.58 9.71 -26.21
C ASP B 195 -14.74 10.77 -25.07
N PRO B 196 -15.40 11.88 -25.39
CA PRO B 196 -15.57 13.00 -24.45
C PRO B 196 -16.32 12.55 -23.21
N SER B 197 -17.17 11.53 -23.39
CA SER B 197 -17.97 11.14 -22.27
C SER B 197 -17.51 9.83 -21.49
N ASP B 198 -17.05 8.86 -22.25
CA ASP B 198 -16.75 7.52 -21.71
C ASP B 198 -15.23 7.18 -21.85
N GLY B 199 -14.45 8.18 -22.21
CA GLY B 199 -13.08 8.03 -22.56
C GLY B 199 -12.20 8.46 -21.39
N PHE B 200 -10.89 8.35 -21.62
CA PHE B 200 -9.92 8.51 -20.55
C PHE B 200 -8.54 8.44 -21.10
N VAL B 201 -7.58 8.98 -20.32
CA VAL B 201 -6.15 8.87 -20.66
C VAL B 201 -5.42 8.05 -19.55
N LEU B 202 -4.54 7.14 -19.96
CA LEU B 202 -3.80 6.30 -19.04
C LEU B 202 -2.33 6.69 -19.15
N ILE B 203 -1.69 7.11 -18.03
CA ILE B 203 -0.32 7.54 -18.12
C ILE B 203 0.44 7.07 -16.86
N PRO B 204 1.78 6.96 -16.93
CA PRO B 204 2.55 6.58 -15.68
C PRO B 204 2.21 7.63 -14.61
N ASP B 205 1.93 7.11 -13.44
CA ASP B 205 1.82 7.97 -12.28
C ASP B 205 3.09 8.79 -11.90
N LEU B 206 2.90 10.02 -11.40
CA LEU B 206 4.01 10.82 -10.86
C LEU B 206 4.91 9.94 -9.91
N LYS B 207 4.36 9.04 -9.13
CA LYS B 207 5.27 8.26 -8.17
C LYS B 207 6.15 7.16 -8.81
N TRP B 208 6.04 6.86 -10.10
CA TRP B 208 6.65 5.67 -10.67
C TRP B 208 7.83 6.15 -11.48
N ASN B 209 9.03 5.65 -11.25
CA ASN B 209 10.11 6.29 -12.06
C ASN B 209 10.30 5.49 -13.34
N GLN B 210 9.52 4.43 -13.49
CA GLN B 210 9.45 3.69 -14.77
C GLN B 210 10.62 2.84 -15.06
N GLN B 211 11.45 2.61 -14.05
CA GLN B 211 12.71 1.91 -14.34
C GLN B 211 12.49 0.45 -14.15
N GLN B 212 11.45 0.00 -13.38
CA GLN B 212 11.23 -1.41 -13.26
C GLN B 212 9.75 -1.67 -13.12
N LEU B 213 9.37 -2.92 -13.32
CA LEU B 213 7.92 -3.28 -13.24
C LEU B 213 7.42 -3.66 -11.84
N ASP B 214 8.33 -3.85 -10.86
CA ASP B 214 7.94 -4.30 -9.52
C ASP B 214 7.13 -3.23 -8.88
N ASP B 215 7.33 -1.99 -9.24
CA ASP B 215 6.47 -1.01 -8.60
C ASP B 215 5.60 -0.23 -9.69
N LEU B 216 5.29 -0.90 -10.76
CA LEU B 216 4.36 -0.35 -11.83
C LEU B 216 3.24 0.38 -11.18
N TYR B 217 3.06 1.66 -11.56
CA TYR B 217 1.99 2.44 -11.03
C TYR B 217 1.54 3.37 -12.21
N LEU B 218 0.29 3.19 -12.67
CA LEU B 218 -0.23 4.10 -13.70
C LEU B 218 -1.49 4.77 -13.22
N ILE B 219 -1.82 5.88 -13.84
CA ILE B 219 -3.06 6.54 -13.48
C ILE B 219 -3.92 6.78 -14.75
N ALA B 220 -5.22 6.58 -14.57
CA ALA B 220 -6.25 6.84 -15.66
C ALA B 220 -7.07 7.99 -15.26
N ILE B 221 -7.01 9.10 -16.05
CA ILE B 221 -7.91 10.18 -15.73
C ILE B 221 -9.08 10.29 -16.81
N CYS B 222 -10.33 10.34 -16.35
CA CYS B 222 -11.41 10.35 -17.34
C CYS B 222 -11.42 11.65 -18.17
N HIS B 223 -11.85 11.56 -19.43
CA HIS B 223 -11.97 12.80 -20.25
C HIS B 223 -13.08 13.73 -19.67
N ARG B 224 -14.19 13.16 -19.23
CA ARG B 224 -15.38 13.97 -18.85
C ARG B 224 -15.06 14.77 -17.60
N ARG B 225 -15.36 16.09 -17.58
CA ARG B 225 -15.19 16.93 -16.39
C ARG B 225 -16.35 16.90 -15.41
N GLY B 226 -16.05 17.29 -14.17
CA GLY B 226 -17.00 17.42 -13.09
C GLY B 226 -17.34 16.20 -12.26
N ILE B 227 -16.72 15.02 -12.50
CA ILE B 227 -16.92 13.89 -11.62
C ILE B 227 -15.81 14.05 -10.51
N ARG B 228 -16.21 14.39 -9.29
CA ARG B 228 -15.26 14.85 -8.26
C ARG B 228 -14.60 13.67 -7.63
N SER B 229 -15.32 12.57 -7.53
CA SER B 229 -14.94 11.49 -6.65
C SER B 229 -16.04 10.44 -6.74
N LEU B 230 -15.77 9.35 -6.07
CA LEU B 230 -16.67 8.27 -5.90
C LEU B 230 -18.08 8.73 -5.58
N ARG B 231 -18.27 9.82 -4.81
CA ARG B 231 -19.67 10.24 -4.47
C ARG B 231 -20.53 10.70 -5.63
N ASP B 232 -19.88 11.05 -6.74
CA ASP B 232 -20.55 11.48 -7.94
C ASP B 232 -20.99 10.33 -8.82
N LEU B 233 -20.58 9.11 -8.49
CA LEU B 233 -20.74 8.06 -9.48
C LEU B 233 -22.18 7.52 -9.50
N THR B 234 -22.72 7.40 -10.70
CA THR B 234 -24.05 6.79 -10.88
C THR B 234 -23.96 5.77 -12.04
N PRO B 235 -25.02 4.97 -12.27
CA PRO B 235 -25.02 4.05 -13.40
C PRO B 235 -24.78 4.68 -14.76
N GLU B 236 -25.05 5.96 -14.91
CA GLU B 236 -24.71 6.68 -16.12
C GLU B 236 -23.17 6.60 -16.48
N HIS B 237 -22.31 6.51 -15.43
CA HIS B 237 -20.85 6.36 -15.56
C HIS B 237 -20.32 4.91 -15.79
N LEU B 238 -21.17 3.90 -15.57
CA LEU B 238 -20.80 2.52 -15.84
C LEU B 238 -20.00 2.31 -17.16
N PRO B 239 -20.44 2.81 -18.32
CA PRO B 239 -19.65 2.62 -19.51
C PRO B 239 -18.18 3.13 -19.37
N LEU B 240 -18.02 4.35 -18.83
CA LEU B 240 -16.76 4.96 -18.49
C LEU B 240 -15.91 4.03 -17.56
N LEU B 241 -16.51 3.62 -16.43
CA LEU B 241 -15.85 2.71 -15.52
C LEU B 241 -15.31 1.40 -16.12
N ARG B 242 -16.11 0.81 -17.00
CA ARG B 242 -15.75 -0.44 -17.58
C ARG B 242 -14.71 -0.20 -18.54
N ASN B 243 -14.76 0.95 -19.17
CA ASN B 243 -13.74 1.07 -20.20
C ASN B 243 -12.37 1.28 -19.44
N ILE B 244 -12.39 2.11 -18.37
CA ILE B 244 -11.12 2.29 -17.61
C ILE B 244 -10.61 0.92 -17.19
N LEU B 245 -11.42 0.17 -16.44
CA LEU B 245 -11.07 -1.16 -16.03
C LEU B 245 -10.56 -2.07 -17.23
N HIS B 246 -11.32 -2.21 -18.33
CA HIS B 246 -10.94 -3.24 -19.28
C HIS B 246 -9.98 -2.77 -20.30
N GLN B 247 -10.08 -1.56 -20.79
CA GLN B 247 -9.16 -1.09 -21.83
C GLN B 247 -7.87 -0.68 -21.07
N GLY B 248 -7.99 -0.22 -19.81
CA GLY B 248 -6.76 0.09 -19.02
C GLY B 248 -5.96 -1.20 -18.84
N GLN B 249 -6.62 -2.25 -18.35
CA GLN B 249 -5.86 -3.50 -18.14
C GLN B 249 -5.30 -4.02 -19.42
N GLU B 250 -6.11 -4.01 -20.46
CA GLU B 250 -5.62 -4.47 -21.73
C GLU B 250 -4.43 -3.66 -22.27
N ALA B 251 -4.48 -2.34 -22.09
CA ALA B 251 -3.35 -1.56 -22.57
C ALA B 251 -2.04 -1.95 -21.75
N ILE B 252 -2.23 -2.27 -20.46
CA ILE B 252 -1.01 -2.64 -19.61
C ILE B 252 -0.45 -4.02 -20.03
N LEU B 253 -1.36 -4.93 -20.37
CA LEU B 253 -0.97 -6.22 -20.86
C LEU B 253 -0.16 -6.07 -22.15
N GLN B 254 -0.59 -5.20 -23.03
CA GLN B 254 0.11 -5.07 -24.28
C GLN B 254 1.38 -4.28 -24.17
N ARG B 255 1.42 -3.19 -23.37
CA ARG B 255 2.68 -2.43 -23.23
C ARG B 255 3.77 -3.20 -22.39
N TYR B 256 3.39 -3.82 -21.27
CA TYR B 256 4.35 -4.26 -20.20
C TYR B 256 4.24 -5.76 -19.97
N ARG B 257 3.28 -6.40 -20.68
CA ARG B 257 3.03 -7.85 -20.59
C ARG B 257 2.57 -8.26 -19.25
N MET B 258 2.03 -7.31 -18.52
CA MET B 258 1.59 -7.64 -17.21
C MET B 258 0.09 -7.90 -17.25
N LYS B 259 -0.29 -9.12 -16.88
CA LYS B 259 -1.61 -9.63 -16.75
C LYS B 259 -2.53 -9.06 -15.69
N GLY B 260 -3.87 -9.08 -15.97
CA GLY B 260 -4.77 -8.39 -15.06
C GLY B 260 -4.76 -8.98 -13.69
N ASP B 261 -4.48 -10.28 -13.56
CA ASP B 261 -4.40 -10.88 -12.24
C ASP B 261 -3.08 -10.51 -11.45
N HIS B 262 -2.27 -9.70 -12.07
CA HIS B 262 -1.04 -9.12 -11.42
C HIS B 262 -1.35 -7.59 -11.06
N LEU B 263 -2.58 -7.12 -11.23
CA LEU B 263 -2.82 -5.67 -11.04
C LEU B 263 -3.86 -5.44 -9.92
N ARG B 264 -3.68 -4.40 -9.14
CA ARG B 264 -4.60 -3.95 -8.11
C ARG B 264 -5.10 -2.61 -8.67
N VAL B 265 -6.37 -2.57 -9.07
CA VAL B 265 -6.95 -1.42 -9.72
C VAL B 265 -7.99 -0.71 -8.86
N TYR B 266 -7.80 0.58 -8.54
CA TYR B 266 -8.65 1.15 -7.49
C TYR B 266 -8.71 2.61 -7.48
N LEU B 267 -9.69 3.15 -6.72
CA LEU B 267 -9.78 4.58 -6.50
C LEU B 267 -9.63 4.92 -5.07
N HIS B 268 -9.34 6.21 -4.79
CA HIS B 268 -9.21 6.73 -3.44
C HIS B 268 -10.43 7.50 -3.00
N TYR B 269 -10.79 7.35 -1.71
CA TYR B 269 -11.74 8.24 -1.08
C TYR B 269 -11.21 8.44 0.34
N LEU B 270 -10.82 9.67 0.71
CA LEU B 270 -10.91 10.88 -0.16
C LEU B 270 -9.76 10.90 -1.16
N PRO B 271 -9.98 11.45 -2.34
CA PRO B 271 -8.88 11.64 -3.28
C PRO B 271 -8.14 12.95 -2.91
N SER B 272 -6.97 13.28 -3.41
CA SER B 272 -6.43 14.60 -3.11
C SER B 272 -6.86 15.54 -4.21
N TYR B 273 -7.07 15.01 -5.44
CA TYR B 273 -7.39 15.81 -6.60
C TYR B 273 -8.81 15.41 -7.10
N TYR B 274 -9.73 16.32 -6.99
CA TYR B 274 -11.17 16.05 -7.17
C TYR B 274 -11.59 16.09 -8.66
N HIS B 275 -10.91 15.24 -9.43
CA HIS B 275 -11.29 14.79 -10.76
C HIS B 275 -11.04 13.31 -10.80
N LEU B 276 -12.08 12.48 -11.01
CA LEU B 276 -12.01 11.02 -10.85
C LEU B 276 -10.68 10.48 -11.38
N ASN B 277 -10.01 9.63 -10.61
CA ASN B 277 -8.77 9.06 -11.19
C ASN B 277 -8.59 7.68 -10.63
N VAL B 278 -8.14 6.77 -11.48
CA VAL B 278 -8.10 5.38 -11.12
C VAL B 278 -6.57 4.98 -11.17
N HIS B 279 -6.20 4.20 -10.19
CA HIS B 279 -4.75 3.81 -9.92
C HIS B 279 -4.57 2.33 -10.26
N PHE B 280 -3.59 2.02 -11.08
CA PHE B 280 -3.31 0.69 -11.52
C PHE B 280 -1.92 0.41 -10.92
N THR B 281 -1.82 -0.58 -10.01
CA THR B 281 -0.49 -0.86 -9.34
C THR B 281 -0.18 -2.31 -9.52
N ALA B 282 1.10 -2.63 -9.63
CA ALA B 282 1.45 -4.03 -9.46
C ALA B 282 0.97 -4.58 -8.13
N LEU B 283 0.36 -5.79 -8.17
CA LEU B 283 -0.23 -6.38 -7.05
C LEU B 283 0.90 -6.63 -5.96
N GLY B 284 2.06 -7.08 -6.32
CA GLY B 284 3.09 -7.39 -5.36
C GLY B 284 3.75 -6.06 -4.93
N PHE B 285 3.41 -4.91 -5.51
CA PHE B 285 3.84 -3.63 -4.90
C PHE B 285 2.87 -3.21 -3.80
N GLU B 286 3.32 -3.13 -2.55
CA GLU B 286 2.41 -2.76 -1.45
C GLU B 286 2.34 -1.26 -1.49
N ALA B 287 1.53 -0.67 -2.41
CA ALA B 287 1.57 0.79 -2.63
C ALA B 287 1.03 1.59 -1.44
N PRO B 288 1.66 2.70 -1.08
CA PRO B 288 1.07 3.56 -0.05
C PRO B 288 -0.29 4.01 -0.64
N GLY B 289 -1.27 4.10 0.24
CA GLY B 289 -2.62 4.41 -0.12
C GLY B 289 -3.41 3.30 -0.71
N SER B 290 -2.97 2.07 -0.58
CA SER B 290 -3.76 0.93 -1.06
C SER B 290 -4.55 0.22 0.11
N GLY B 291 -4.63 0.88 1.29
CA GLY B 291 -5.28 0.29 2.46
C GLY B 291 -6.78 0.36 2.34
N VAL B 292 -7.45 -0.62 2.96
CA VAL B 292 -8.93 -0.67 3.03
C VAL B 292 -9.53 0.62 3.53
N GLU B 293 -8.84 1.35 4.37
CA GLU B 293 -9.37 2.70 4.77
C GLU B 293 -9.34 3.84 3.72
N ARG B 294 -8.83 3.56 2.54
CA ARG B 294 -8.87 4.62 1.53
C ARG B 294 -9.13 4.12 0.12
N ALA B 295 -8.66 2.90 -0.19
CA ALA B 295 -8.73 2.32 -1.54
C ALA B 295 -10.02 1.52 -1.79
N HIS B 296 -10.59 1.64 -2.98
CA HIS B 296 -11.89 0.98 -3.38
C HIS B 296 -11.66 0.32 -4.73
N LEU B 297 -11.75 -1.00 -4.85
CA LEU B 297 -11.49 -1.65 -6.16
C LEU B 297 -12.50 -1.27 -7.22
N LEU B 298 -12.03 -0.91 -8.40
CA LEU B 298 -12.91 -0.48 -9.43
C LEU B 298 -13.90 -1.58 -9.77
N ALA B 299 -13.44 -2.81 -9.89
CA ALA B 299 -14.35 -3.95 -10.16
C ALA B 299 -15.51 -3.96 -9.17
N GLU B 300 -15.32 -3.76 -7.86
CA GLU B 300 -16.41 -3.76 -6.92
C GLU B 300 -17.27 -2.51 -7.11
N VAL B 301 -16.62 -1.40 -7.46
CA VAL B 301 -17.36 -0.17 -7.57
C VAL B 301 -18.41 -0.36 -8.71
N ILE B 302 -17.99 -0.90 -9.83
CA ILE B 302 -18.81 -1.18 -10.98
C ILE B 302 -20.00 -2.12 -10.56
N GLU B 303 -19.75 -3.18 -9.80
CA GLU B 303 -20.75 -4.14 -9.54
C GLU B 303 -21.71 -3.55 -8.51
N ASN B 304 -21.19 -2.70 -7.61
CA ASN B 304 -21.97 -1.94 -6.66
C ASN B 304 -22.99 -1.08 -7.37
N LEU B 305 -22.61 -0.43 -8.45
CA LEU B 305 -23.53 0.32 -9.25
C LEU B 305 -24.59 -0.50 -10.04
N GLU B 306 -24.18 -1.68 -10.49
CA GLU B 306 -25.07 -2.53 -11.23
C GLU B 306 -26.14 -3.10 -10.33
N CYS B 307 -25.81 -3.45 -9.10
CA CYS B 307 -26.73 -3.84 -8.06
C CYS B 307 -27.55 -2.71 -7.31
N ASP B 308 -27.16 -1.43 -7.40
CA ASP B 308 -27.54 -0.48 -6.35
C ASP B 308 -27.26 0.94 -6.84
N PRO B 309 -28.05 1.35 -7.83
CA PRO B 309 -27.82 2.60 -8.58
C PRO B 309 -27.37 3.80 -7.73
N ARG B 310 -27.94 3.94 -6.56
CA ARG B 310 -27.64 5.08 -5.73
C ARG B 310 -26.69 4.75 -4.58
N HIS B 311 -25.97 3.63 -4.69
CA HIS B 311 -25.11 3.14 -3.59
C HIS B 311 -24.15 4.19 -3.08
N TYR B 312 -23.49 4.92 -4.01
CA TYR B 312 -22.52 5.96 -3.59
C TYR B 312 -23.07 7.29 -3.05
N GLN B 313 -24.34 7.56 -3.33
CA GLN B 313 -25.02 8.66 -2.64
C GLN B 313 -25.63 8.27 -1.30
N GLN B 314 -26.07 7.01 -1.14
CA GLN B 314 -26.73 6.58 0.11
C GLN B 314 -25.83 6.03 1.20
N ARG B 315 -24.81 5.25 0.86
CA ARG B 315 -24.12 4.49 1.89
C ARG B 315 -23.07 5.30 2.58
N THR B 316 -22.56 4.77 3.67
CA THR B 316 -21.55 5.44 4.47
C THR B 316 -20.14 4.97 4.05
N LEU B 317 -19.21 5.92 3.91
CA LEU B 317 -17.83 5.67 3.46
C LEU B 317 -16.88 6.00 4.61
N THR B 318 -15.94 5.11 4.92
CA THR B 318 -14.93 5.32 5.92
C THR B 318 -13.63 5.80 5.33
N PHE B 319 -13.04 6.86 5.91
CA PHE B 319 -11.72 7.34 5.49
C PHE B 319 -11.02 7.99 6.69
N ALA B 320 -9.74 8.29 6.60
CA ALA B 320 -8.92 8.92 7.62
C ALA B 320 -8.65 10.41 7.27
N LEU B 321 -8.63 11.28 8.29
CA LEU B 321 -8.36 12.72 8.23
C LEU B 321 -7.31 13.07 9.28
N ARG B 322 -6.43 14.06 9.06
CA ARG B 322 -5.56 14.63 10.11
C ARG B 322 -6.36 14.98 11.35
N ALA B 323 -5.77 14.72 12.53
CA ALA B 323 -6.37 15.08 13.83
C ALA B 323 -7.01 16.49 13.89
N ASP B 324 -6.22 17.48 13.44
CA ASP B 324 -6.58 18.91 13.48
C ASP B 324 -7.26 19.41 12.21
N ASP B 325 -7.49 18.56 11.23
CA ASP B 325 -8.19 19.02 10.02
C ASP B 325 -9.54 19.57 10.52
N PRO B 326 -9.88 20.76 10.08
CA PRO B 326 -11.20 21.34 10.40
C PRO B 326 -12.38 20.43 9.97
N LEU B 327 -12.23 19.68 8.88
CA LEU B 327 -13.40 18.94 8.37
C LEU B 327 -13.70 17.80 9.29
N LEU B 328 -12.66 17.30 9.97
CA LEU B 328 -12.88 16.23 10.93
C LEU B 328 -13.82 16.73 12.05
N LYS B 329 -13.42 17.86 12.64
CA LYS B 329 -14.16 18.55 13.72
C LYS B 329 -15.58 18.76 13.24
N LEU B 330 -15.71 19.34 12.07
CA LEU B 330 -17.02 19.55 11.52
C LEU B 330 -17.81 18.25 11.52
N LEU B 331 -17.19 17.17 11.02
CA LEU B 331 -17.92 15.91 10.91
C LEU B 331 -18.11 15.23 12.26
N GLN B 332 -17.11 15.28 13.14
CA GLN B 332 -17.25 14.68 14.48
C GLN B 332 -18.49 15.30 15.23
N GLU B 333 -18.64 16.63 15.10
CA GLU B 333 -19.75 17.40 15.67
C GLU B 333 -21.12 17.20 15.03
N ALA B 334 -21.19 16.71 13.80
CA ALA B 334 -22.50 16.42 13.25
C ALA B 334 -22.94 14.99 13.52
N GLN B 335 -22.16 14.24 14.30
CA GLN B 335 -22.58 12.89 14.58
C GLN B 335 -22.59 12.50 16.05
N GLN B 336 -21.66 13.03 16.85
CA GLN B 336 -21.60 12.79 18.32
C GLN B 336 -22.88 13.26 19.07
N SER B 337 -23.26 14.52 18.87
CA SER B 337 -24.57 15.02 19.32
C SER B 337 -25.26 15.97 18.30
N2 GTA C . -2.54 -15.10 19.76
O6 GTA C . -0.90 -19.12 18.31
C6 GTA C . -1.35 -17.99 18.00
C5 GTA C . -1.43 -17.60 16.64
N7 GTA C . -1.16 -18.16 15.46
C7 GTA C . -0.63 -19.53 15.27
C8 GTA C . -1.46 -17.23 14.50
N9 GTA C . -1.94 -16.07 15.05
C4 GTA C . -1.92 -16.32 16.37
N3 GTA C . -2.32 -15.41 17.44
C2 GTA C . -2.20 -15.88 18.71
N1 GTA C . -1.74 -17.14 18.99
O3A GTA C . -3.06 -12.32 12.15
C1A GTA C . -2.41 -14.82 14.38
C2A GTA C . -1.77 -14.38 13.06
C3A GTA C . -2.92 -13.75 12.23
C4A GTA C . -4.17 -14.29 12.90
C5A GTA C . -4.92 -15.16 11.95
O4A GTA C . -3.75 -15.07 13.98
O2A GTA C . -0.57 -13.64 13.23
P1 GTA C . -5.93 -14.88 9.57
O11 GTA C . -6.84 -14.03 8.77
O12 GTA C . -6.60 -16.26 9.68
O13 GTA C . -4.50 -15.27 8.87
O15 GTA C . -5.48 -14.31 10.99
P2 GTA C . -3.28 -14.46 8.17
O22 GTA C . -3.28 -13.06 8.79
O21 GTA C . -3.45 -14.77 6.71
O23 GTA C . -2.17 -15.23 9.06
P3 GTA C . -0.62 -15.08 9.00
O32 GTA C . 0.04 -15.71 10.17
O31 GTA C . -0.15 -13.66 8.75
O33 GTA C . -0.58 -16.05 7.68
C5B GTA C . -0.10 -17.43 7.77
C4B GTA C . 1.17 -17.77 7.37
O4B GTA C . 1.50 -17.88 5.94
C3B GTA C . 2.33 -17.17 8.08
O3B GTA C . 3.13 -18.27 8.47
C2B GTA C . 2.92 -16.34 6.96
O2B GTA C . 4.23 -15.81 7.23
C1B GTA C . 2.79 -17.25 5.73
N9C GTA C . 2.78 -16.51 4.45
C8C GTA C . 1.84 -15.38 4.27
N7C GTA C . 2.11 -14.97 2.88
C5C GTA C . 3.05 -15.77 2.32
C6C GTA C . 3.59 -15.70 1.04
N6C GTA C . 3.20 -14.80 0.24
N1C GTA C . 4.55 -16.64 0.69
C2C GTA C . 4.95 -17.57 1.62
N3C GTA C . 4.40 -17.61 2.87
C4C GTA C . 3.45 -16.72 3.24
Y YT3 D . 17.41 -7.98 -18.31
Y YT3 E . 6.13 40.13 -0.27
Y YT3 F . 10.32 40.73 4.03
N2 GTA G . 1.29 11.65 -14.15
O6 GTA G . 1.32 15.81 -12.49
C6 GTA G . 1.03 14.62 -12.32
C5 GTA G . 0.54 14.20 -11.11
N7 GTA G . 0.19 14.82 -9.97
C7 GTA G . 0.32 16.26 -9.60
C8 GTA G . -0.31 13.82 -9.16
N9 GTA G . -0.23 12.55 -9.79
C4 GTA G . 0.26 12.89 -11.02
N3 GTA G . 0.52 11.96 -12.02
C2 GTA G . 1.04 12.47 -13.14
N1 GTA G . 1.29 13.77 -13.28
O3A GTA G . -1.17 8.91 -7.55
C1A GTA G . -0.66 11.25 -9.29
C2A GTA G . -0.35 11.17 -7.75
C3A GTA G . -1.49 10.27 -7.31
C4A GTA G . -2.65 10.54 -8.31
C5A GTA G . -3.69 11.37 -7.67
O4A GTA G . -2.07 11.32 -9.34
O2A GTA G . 0.92 10.51 -7.72
P1 GTA G . -5.47 10.80 -5.74
O11 GTA G . -6.27 9.55 -5.30
O12 GTA G . -6.23 12.01 -6.04
O13 GTA G . -4.59 11.38 -4.49
O15 GTA G . -4.32 10.40 -6.80
P2 GTA G . -3.36 10.82 -3.69
O22 GTA G . -3.63 11.29 -2.32
O21 GTA G . -3.07 9.40 -4.03
O23 GTA G . -2.18 11.66 -4.35
P3 GTA G . -0.96 12.45 -3.60
O32 GTA G . -0.16 12.89 -4.78
O31 GTA G . -1.55 13.53 -2.62
O33 GTA G . -0.38 11.18 -2.84
C5B GTA G . -0.72 10.79 -1.48
C4B GTA G . 0.30 10.76 -0.59
O4B GTA G . 1.41 9.83 -0.86
C3B GTA G . 0.90 12.14 -0.32
O3B GTA G . 0.09 12.99 0.49
C2B GTA G . 2.32 11.81 0.17
O2B GTA G . 2.44 11.73 1.61
C1B GTA G . 2.66 10.41 -0.40
N9C GTA G . 3.73 10.53 -1.42
C8C GTA G . 4.78 9.51 -1.61
N7C GTA G . 5.58 10.10 -2.75
C5C GTA G . 5.01 11.30 -3.10
C6C GTA G . 5.37 12.19 -4.07
N6C GTA G . 6.31 12.00 -4.87
N1C GTA G . 4.58 13.31 -4.19
C2C GTA G . 3.50 13.55 -3.36
N3C GTA G . 3.15 12.67 -2.40
C4C GTA G . 3.90 11.57 -2.29
#